data_5W6V
#
_entry.id   5W6V
#
_cell.length_a   93.750
_cell.length_b   136.861
_cell.length_c   86.054
_cell.angle_alpha   90.00
_cell.angle_beta   90.00
_cell.angle_gamma   90.00
#
_symmetry.space_group_name_H-M   'P 21 21 2'
#
loop_
_entity.id
_entity.type
_entity.pdbx_description
1 polymer 'Protein argonaute-1'
2 polymer "RNA (5'-R(P*AP*AP*UP*AP*UP*UP*AP*AP*AP*A)-3')"
3 polymer 'Trinucleotide repeat-containing gene 6A protein'
4 water water
#
loop_
_entity_poly.entity_id
_entity_poly.type
_entity_poly.pdbx_seq_one_letter_code
_entity_poly.pdbx_strand_id
1 'polypeptide(L)'
;GAMEAGPSGAAAGAYLPPLQQVFQAPRRPGIGTVGKPIKLLANYFEVDIPKIDVYHYEVDIKPDKCPRRVNREVVEYMVQ
HFKPQIFGDRKPVYDGKKNIYTVTALPIGNERVDFEVTIPGEGKDRIFKVSIKWLAIVSWRMLHEALVSGQIPVPLESVQ
ALDVAMRHLASMRYTPVGRSFFSPPEGYYHPLGGGREVWFGFHQSVRPAMWKMMLNIDVSATAFYKAQPVIEFMCEVLDI
RNIDEQPKPLTDSQRVRFTKEIKGLKVEVTHCGQMKRKYRVCNVTRRPASHQTFPLQLESGQTVECTVAQYFKQKYNLQL
KYPHLPCLQVGQEQKHTYLPLEVCNIVAGQRCIKKLTDNQTSTMIKATARSAPDRQEEISRLMKNASYNLDPYIQEFGIK
VKDDMTEVTGRVLPAPILQYGGRNRAIATPNQGVWDMRGKQFYNGIEIKVWAIACFAPQKQCREEVLKNFTDQLRKISKD
AGMPIQGQPCFCKYAQGADSVEPMFRHLKNTYSGLQLIIVILPGKTPVYAEVKRVGDTLLGMATQCVQVKNVVKTSPQTL
SNLCLKINVKLGGINNILVPHQRSAVFQQPVIFLGADVTHPPAGDGKKPSITAVVGSMDAHPSRYCATVRVQRPRQEIIE
DLSYMVRELLIQFYKSTRFKPTRIIFYRDGVPEGQLPQILHYELLAIRDACIKLEKDYQPGITYIVVQKRHHTRLFCADK
NERIGKSGNIPAGTTVDTNITHPFEFDFYLCSHAGIQGTSRPSHYYVLWDDNRFTADELQILTYQLCHTYVRCTRSVSIP
APAYYARLVAFRARYHLVDKEHDSGEGSHISGQSNGRDPQALAKAVQVHQDTLRTMYFA
;
A
2 'polyribonucleotide' AAUAUUAAA(UNK)(UNK)(UNK)(UNK)(UNK)(UNK)(UNK)(UNK)(UNK)(UNK)A R
3 'polypeptide(L)' GATVDNGTSAWGKPIDSGPSWGEP B
#
# COMPACT_ATOMS: atom_id res chain seq x y z
N PHE A 23 24.74 -8.93 -5.62
CA PHE A 23 24.51 -7.53 -5.34
C PHE A 23 24.56 -7.23 -3.85
N GLN A 24 25.60 -6.50 -3.43
CA GLN A 24 25.77 -6.09 -2.05
C GLN A 24 25.32 -4.64 -1.91
N ALA A 25 24.41 -4.39 -0.98
CA ALA A 25 23.84 -3.06 -0.83
C ALA A 25 24.93 -2.07 -0.43
N PRO A 26 24.87 -0.82 -0.89
CA PRO A 26 25.90 0.15 -0.53
C PRO A 26 25.86 0.48 0.96
N ARG A 27 27.05 0.63 1.54
CA ARG A 27 27.12 1.01 2.94
C ARG A 27 26.82 2.49 3.09
N ARG A 28 26.46 2.88 4.31
CA ARG A 28 26.12 4.27 4.60
C ARG A 28 27.33 5.17 4.32
N PRO A 29 27.22 6.13 3.40
CA PRO A 29 28.37 7.00 3.14
C PRO A 29 28.64 7.99 4.25
N GLY A 30 27.63 8.35 5.04
CA GLY A 30 27.82 9.29 6.12
C GLY A 30 26.48 9.69 6.72
N ILE A 31 26.57 10.49 7.77
CA ILE A 31 25.41 11.00 8.48
C ILE A 31 25.06 12.38 7.94
N GLY A 32 23.77 12.65 7.78
CA GLY A 32 23.35 13.94 7.28
C GLY A 32 23.63 15.06 8.26
N THR A 33 23.80 16.26 7.71
CA THR A 33 24.17 17.43 8.51
C THR A 33 23.22 18.62 8.35
N VAL A 34 22.41 18.66 7.29
CA VAL A 34 21.56 19.81 7.02
C VAL A 34 20.28 19.71 7.83
N GLY A 35 19.82 20.85 8.33
CA GLY A 35 18.51 20.91 8.96
C GLY A 35 18.49 21.33 10.41
N LYS A 36 17.41 21.98 10.84
CA LYS A 36 17.23 22.31 12.25
C LYS A 36 17.05 21.02 13.05
N PRO A 37 17.75 20.86 14.17
CA PRO A 37 17.57 19.65 14.98
C PRO A 37 16.20 19.63 15.63
N ILE A 38 15.71 18.41 15.86
CA ILE A 38 14.43 18.23 16.56
C ILE A 38 14.52 16.94 17.38
N LYS A 39 14.23 17.05 18.67
CA LYS A 39 14.22 15.89 19.54
C LYS A 39 12.99 15.03 19.23
N LEU A 40 13.20 13.72 19.09
CA LEU A 40 12.15 12.82 18.65
C LEU A 40 12.09 11.59 19.54
N LEU A 41 10.89 11.00 19.58
CA LEU A 41 10.66 9.71 20.18
C LEU A 41 10.16 8.75 19.11
N ALA A 42 10.67 7.53 19.12
CA ALA A 42 10.32 6.52 18.13
C ALA A 42 9.76 5.29 18.84
N ASN A 43 8.73 4.68 18.24
CA ASN A 43 8.13 3.47 18.79
C ASN A 43 9.03 2.23 18.65
N TYR A 44 10.34 2.42 18.76
CA TYR A 44 11.31 1.35 18.89
C TYR A 44 11.75 1.23 20.34
N PHE A 45 12.02 -0.01 20.77
CA PHE A 45 12.43 -0.27 22.14
C PHE A 45 13.68 -1.15 22.12
N GLU A 46 14.68 -0.76 22.90
CA GLU A 46 15.96 -1.45 22.87
C GLU A 46 15.83 -2.86 23.44
N VAL A 47 16.43 -3.81 22.73
CA VAL A 47 16.42 -5.21 23.13
C VAL A 47 17.85 -5.65 23.39
N ASP A 48 18.07 -6.29 24.54
CA ASP A 48 19.39 -6.77 24.94
C ASP A 48 19.36 -8.29 25.01
N ILE A 49 20.28 -8.93 24.28
CA ILE A 49 20.34 -10.39 24.23
C ILE A 49 21.72 -10.85 24.69
N PRO A 50 21.82 -12.02 25.31
CA PRO A 50 23.14 -12.52 25.72
C PRO A 50 23.93 -13.08 24.54
N LYS A 51 25.26 -13.09 24.72
CA LYS A 51 26.17 -13.61 23.71
C LYS A 51 26.25 -15.14 23.85
N ILE A 52 25.13 -15.78 23.52
CA ILE A 52 24.99 -17.21 23.67
C ILE A 52 24.53 -17.83 22.35
N ASP A 53 24.71 -19.13 22.24
CA ASP A 53 24.14 -19.89 21.14
C ASP A 53 22.75 -20.36 21.53
N VAL A 54 21.85 -20.39 20.54
CA VAL A 54 20.54 -20.99 20.70
C VAL A 54 20.46 -22.17 19.74
N TYR A 55 19.57 -23.10 20.05
CA TYR A 55 19.51 -24.38 19.37
C TYR A 55 18.23 -24.49 18.55
N HIS A 56 18.38 -24.81 17.27
CA HIS A 56 17.33 -24.71 16.27
C HIS A 56 16.98 -26.12 15.80
N TYR A 57 15.74 -26.53 16.03
CA TYR A 57 15.25 -27.84 15.61
C TYR A 57 14.10 -27.66 14.61
N GLU A 58 14.02 -28.59 13.66
CA GLU A 58 12.93 -28.58 12.70
C GLU A 58 11.81 -29.50 13.19
N VAL A 59 10.57 -29.10 12.93
CA VAL A 59 9.40 -29.82 13.39
C VAL A 59 8.60 -30.31 12.20
N ASP A 60 8.15 -31.55 12.26
CA ASP A 60 7.22 -32.12 11.29
C ASP A 60 5.96 -32.53 12.04
N ILE A 61 4.81 -32.03 11.61
CA ILE A 61 3.52 -32.41 12.15
C ILE A 61 2.73 -33.07 11.03
N LYS A 62 2.13 -34.22 11.32
CA LYS A 62 1.27 -34.92 10.38
C LYS A 62 -0.08 -35.17 11.02
N PRO A 63 -1.20 -34.74 10.41
CA PRO A 63 -1.36 -34.07 9.10
C PRO A 63 -0.61 -32.73 8.99
N ASP A 64 -0.06 -32.46 7.81
CA ASP A 64 0.94 -31.40 7.63
C ASP A 64 0.38 -30.10 7.07
N LYS A 65 -0.94 -30.01 6.85
CA LYS A 65 -1.51 -28.79 6.31
C LYS A 65 -2.54 -28.20 7.27
N CYS A 66 -2.19 -28.12 8.55
CA CYS A 66 -3.04 -27.58 9.61
C CYS A 66 -2.73 -26.10 9.81
N PRO A 67 -3.72 -25.33 10.28
CA PRO A 67 -3.47 -23.92 10.60
C PRO A 67 -2.40 -23.79 11.68
N ARG A 68 -1.67 -22.67 11.63
CA ARG A 68 -0.61 -22.45 12.61
C ARG A 68 -1.14 -22.43 14.03
N ARG A 69 -2.39 -21.97 14.23
CA ARG A 69 -2.98 -22.00 15.56
C ARG A 69 -3.17 -23.43 16.04
N VAL A 70 -3.30 -24.39 15.13
CA VAL A 70 -3.40 -25.79 15.51
C VAL A 70 -2.02 -26.36 15.83
N ASN A 71 -1.02 -26.01 15.02
CA ASN A 71 0.33 -26.50 15.25
C ASN A 71 0.84 -26.08 16.63
N ARG A 72 0.48 -24.88 17.08
CA ARG A 72 0.91 -24.43 18.39
C ARG A 72 0.26 -25.25 19.51
N GLU A 73 -0.97 -25.71 19.30
CA GLU A 73 -1.59 -26.60 20.27
C GLU A 73 -0.90 -27.95 20.31
N VAL A 74 -0.31 -28.37 19.19
CA VAL A 74 0.38 -29.67 19.15
C VAL A 74 1.69 -29.59 19.92
N VAL A 75 2.53 -28.62 19.59
CA VAL A 75 3.82 -28.46 20.26
C VAL A 75 3.63 -28.15 21.73
N GLU A 76 2.55 -27.43 22.07
CA GLU A 76 2.30 -27.10 23.48
C GLU A 76 1.96 -28.36 24.28
N TYR A 77 1.12 -29.24 23.72
CA TYR A 77 0.74 -30.45 24.44
C TYR A 77 1.94 -31.33 24.74
N MET A 78 2.85 -31.47 23.79
CA MET A 78 3.95 -32.41 23.96
C MET A 78 5.05 -31.88 24.87
N VAL A 79 5.33 -30.57 24.84
CA VAL A 79 6.25 -30.01 25.82
C VAL A 79 5.64 -30.03 27.22
N GLN A 80 4.31 -30.11 27.30
CA GLN A 80 3.65 -30.28 28.59
C GLN A 80 3.67 -31.72 29.07
N HIS A 81 3.62 -32.69 28.15
CA HIS A 81 3.42 -34.09 28.48
C HIS A 81 4.64 -34.96 28.23
N PHE A 82 5.80 -34.38 27.90
CA PHE A 82 6.97 -35.20 27.63
C PHE A 82 8.22 -34.64 28.29
N LYS A 83 8.07 -33.98 29.45
CA LYS A 83 9.21 -33.35 30.10
C LYS A 83 10.29 -34.32 30.58
N PRO A 84 9.98 -35.47 31.19
CA PRO A 84 11.07 -36.33 31.67
C PRO A 84 11.97 -36.83 30.56
N GLN A 85 11.39 -37.28 29.45
CA GLN A 85 12.19 -37.87 28.38
C GLN A 85 12.99 -36.80 27.63
N ILE A 86 12.32 -35.75 27.19
CA ILE A 86 12.94 -34.62 26.50
C ILE A 86 12.37 -33.34 27.10
N PHE A 87 12.95 -32.20 26.70
CA PHE A 87 12.56 -30.89 27.21
C PHE A 87 12.93 -30.70 28.68
N GLY A 88 12.24 -31.41 29.57
CA GLY A 88 12.47 -31.16 30.99
C GLY A 88 11.92 -29.81 31.37
N ASP A 89 12.73 -29.02 32.07
CA ASP A 89 12.31 -27.70 32.53
C ASP A 89 12.50 -26.61 31.48
N ARG A 90 12.99 -26.94 30.29
CA ARG A 90 13.14 -25.95 29.24
C ARG A 90 11.80 -25.34 28.87
N LYS A 91 11.83 -24.09 28.41
CA LYS A 91 10.67 -23.42 27.84
C LYS A 91 10.98 -23.13 26.37
N PRO A 92 10.72 -24.07 25.46
CA PRO A 92 10.99 -23.81 24.04
C PRO A 92 10.05 -22.75 23.48
N VAL A 93 10.46 -22.19 22.34
CA VAL A 93 9.65 -21.23 21.61
C VAL A 93 9.43 -21.75 20.20
N TYR A 94 8.26 -21.41 19.64
CA TYR A 94 7.77 -22.04 18.42
C TYR A 94 7.17 -20.99 17.51
N ASP A 95 7.29 -21.22 16.20
CA ASP A 95 6.85 -20.26 15.19
C ASP A 95 5.57 -20.71 14.47
N GLY A 96 4.89 -21.73 14.98
CA GLY A 96 3.67 -22.22 14.38
C GLY A 96 3.88 -23.09 13.15
N LYS A 97 5.12 -23.25 12.68
CA LYS A 97 5.36 -24.00 11.46
C LYS A 97 6.36 -25.10 11.77
N LYS A 98 7.63 -24.92 11.42
CA LYS A 98 8.64 -25.97 11.55
C LYS A 98 9.85 -25.57 12.40
N ASN A 99 9.86 -24.36 12.95
CA ASN A 99 11.01 -23.82 13.68
C ASN A 99 10.70 -23.78 15.16
N ILE A 100 11.63 -24.27 15.96
CA ILE A 100 11.49 -24.36 17.41
C ILE A 100 12.87 -24.16 18.01
N TYR A 101 12.95 -23.34 19.07
CA TYR A 101 14.22 -22.86 19.61
C TYR A 101 14.22 -23.03 21.13
N THR A 102 15.36 -23.51 21.65
CA THR A 102 15.55 -23.72 23.07
C THR A 102 16.84 -23.04 23.51
N VAL A 103 16.88 -22.66 24.79
CA VAL A 103 18.05 -22.01 25.34
C VAL A 103 19.21 -23.00 25.49
N THR A 104 18.91 -24.27 25.77
CA THR A 104 19.93 -25.31 25.84
C THR A 104 19.48 -26.49 24.99
N ALA A 105 20.45 -27.24 24.48
CA ALA A 105 20.18 -28.25 23.46
C ALA A 105 19.48 -29.46 24.05
N LEU A 106 18.46 -29.95 23.34
CA LEU A 106 17.69 -31.10 23.78
C LEU A 106 18.54 -32.36 23.81
N PRO A 107 18.27 -33.30 24.72
CA PRO A 107 19.08 -34.52 24.81
C PRO A 107 18.88 -35.45 23.62
N ILE A 108 19.25 -35.00 22.43
CA ILE A 108 19.05 -35.74 21.19
C ILE A 108 20.31 -35.66 20.35
N GLY A 109 20.56 -36.71 19.57
CA GLY A 109 21.63 -36.70 18.58
C GLY A 109 21.19 -36.02 17.30
N ASN A 110 21.80 -36.44 16.19
CA ASN A 110 21.41 -35.94 14.88
C ASN A 110 20.18 -36.64 14.32
N GLU A 111 19.67 -37.65 15.01
CA GLU A 111 18.58 -38.47 14.47
C GLU A 111 17.23 -37.96 14.94
N ARG A 112 16.19 -38.36 14.20
CA ARG A 112 14.84 -37.88 14.44
C ARG A 112 14.26 -38.49 15.71
N VAL A 113 13.27 -37.80 16.27
CA VAL A 113 12.51 -38.28 17.42
C VAL A 113 11.03 -38.10 17.12
N ASP A 114 10.27 -39.18 17.18
CA ASP A 114 8.85 -39.16 16.83
C ASP A 114 7.98 -39.21 18.08
N PHE A 115 6.84 -38.53 18.01
CA PHE A 115 5.89 -38.45 19.11
C PHE A 115 4.49 -38.79 18.61
N GLU A 116 3.71 -39.40 19.49
CA GLU A 116 2.29 -39.66 19.27
C GLU A 116 1.51 -38.77 20.22
N VAL A 117 0.84 -37.76 19.67
CA VAL A 117 0.16 -36.73 20.45
C VAL A 117 -1.34 -36.83 20.21
N THR A 118 -2.12 -36.71 21.27
CA THR A 118 -3.58 -36.69 21.18
C THR A 118 -4.08 -35.45 21.90
N ILE A 119 -4.84 -34.62 21.20
CA ILE A 119 -5.20 -33.29 21.66
C ILE A 119 -6.72 -33.19 21.70
N PRO A 120 -7.31 -32.71 22.80
CA PRO A 120 -8.76 -32.47 22.90
C PRO A 120 -9.18 -31.13 22.30
N GLY A 123 -14.25 -30.06 22.00
CA GLY A 123 -14.89 -30.70 20.86
C GLY A 123 -14.75 -32.20 20.85
N LYS A 124 -13.73 -32.68 20.14
CA LYS A 124 -13.39 -34.09 20.15
C LYS A 124 -11.89 -34.21 19.95
N ASP A 125 -11.37 -35.40 20.21
CA ASP A 125 -9.93 -35.64 20.25
C ASP A 125 -9.36 -35.89 18.87
N ARG A 126 -8.22 -35.28 18.59
CA ARG A 126 -7.46 -35.49 17.37
C ARG A 126 -6.08 -36.04 17.73
N ILE A 127 -5.67 -37.08 16.99
CA ILE A 127 -4.34 -37.69 17.12
C ILE A 127 -3.41 -37.05 16.10
N PHE A 128 -2.20 -36.71 16.55
CA PHE A 128 -1.20 -36.11 15.69
C PHE A 128 0.10 -36.91 15.81
N LYS A 129 0.88 -36.87 14.73
CA LYS A 129 2.19 -37.52 14.67
C LYS A 129 3.23 -36.43 14.43
N VAL A 130 4.18 -36.31 15.35
CA VAL A 130 5.12 -35.19 15.39
C VAL A 130 6.54 -35.73 15.35
N SER A 131 7.39 -35.06 14.58
CA SER A 131 8.80 -35.43 14.46
C SER A 131 9.68 -34.22 14.70
N ILE A 132 10.77 -34.41 15.44
CA ILE A 132 11.75 -33.37 15.71
C ILE A 132 13.11 -33.87 15.26
N LYS A 133 13.86 -33.01 14.57
CA LYS A 133 15.22 -33.32 14.15
C LYS A 133 16.10 -32.10 14.36
N TRP A 134 17.30 -32.33 14.86
CA TRP A 134 18.28 -31.26 15.03
C TRP A 134 18.58 -30.61 13.68
N LEU A 135 18.88 -29.31 13.72
CA LEU A 135 19.16 -28.60 12.49
C LEU A 135 20.50 -27.87 12.54
N ALA A 136 20.62 -26.82 13.34
CA ALA A 136 21.84 -26.03 13.37
C ALA A 136 21.88 -25.18 14.63
N ILE A 137 23.07 -24.65 14.92
CA ILE A 137 23.29 -23.69 15.99
C ILE A 137 23.08 -22.28 15.45
N VAL A 138 22.36 -21.47 16.20
CA VAL A 138 22.18 -20.05 15.90
C VAL A 138 22.90 -19.24 16.95
N SER A 139 23.79 -18.35 16.52
CA SER A 139 24.67 -17.61 17.40
C SER A 139 24.15 -16.19 17.60
N TRP A 140 23.75 -15.87 18.83
CA TRP A 140 23.48 -14.49 19.19
C TRP A 140 24.74 -13.71 19.50
N ARG A 141 25.84 -14.39 19.83
CA ARG A 141 27.13 -13.72 19.89
C ARG A 141 27.51 -13.17 18.52
N MET A 142 27.18 -13.89 17.46
CA MET A 142 27.43 -13.40 16.11
C MET A 142 26.59 -12.17 15.80
N LEU A 143 25.34 -12.14 16.28
CA LEU A 143 24.48 -10.98 16.09
C LEU A 143 25.02 -9.76 16.81
N HIS A 144 25.68 -9.95 17.95
CA HIS A 144 26.34 -8.84 18.64
C HIS A 144 27.44 -8.24 17.77
N GLU A 145 28.24 -9.09 17.13
CA GLU A 145 29.42 -8.61 16.41
C GLU A 145 29.04 -7.82 15.15
N ALA A 146 27.95 -8.21 14.48
CA ALA A 146 27.52 -7.46 13.30
C ALA A 146 26.98 -6.08 13.67
N LEU A 147 26.41 -5.93 14.86
CA LEU A 147 25.89 -4.64 15.29
C LEU A 147 26.99 -3.72 15.82
N VAL A 148 28.17 -4.24 16.11
CA VAL A 148 29.27 -3.44 16.62
C VAL A 148 30.31 -3.15 15.55
N SER A 149 30.66 -4.17 14.74
CA SER A 149 31.76 -4.05 13.80
C SER A 149 31.33 -4.00 12.35
N GLY A 150 30.13 -4.50 12.01
CA GLY A 150 29.69 -4.55 10.63
C GLY A 150 30.54 -5.38 9.69
N GLN A 151 31.55 -6.11 10.20
CA GLN A 151 32.44 -6.90 9.35
C GLN A 151 31.79 -8.19 8.85
N ILE A 152 30.57 -8.49 9.29
CA ILE A 152 29.80 -9.60 8.76
C ILE A 152 28.38 -9.10 8.51
N PRO A 153 27.60 -9.80 7.68
CA PRO A 153 26.20 -9.42 7.52
C PRO A 153 25.40 -9.76 8.76
N VAL A 154 24.32 -9.03 8.97
CA VAL A 154 23.40 -9.31 10.07
C VAL A 154 22.82 -10.69 9.88
N PRO A 155 23.12 -11.64 10.78
CA PRO A 155 22.65 -13.02 10.58
C PRO A 155 21.14 -13.13 10.76
N LEU A 156 20.42 -13.35 9.65
CA LEU A 156 18.96 -13.42 9.71
C LEU A 156 18.48 -14.58 10.58
N GLU A 157 19.25 -15.67 10.64
CA GLU A 157 18.88 -16.78 11.51
C GLU A 157 18.87 -16.34 12.98
N SER A 158 19.78 -15.44 13.35
CA SER A 158 19.80 -14.94 14.72
C SER A 158 18.63 -13.99 14.97
N VAL A 159 18.30 -13.16 13.98
CA VAL A 159 17.17 -12.24 14.13
C VAL A 159 15.86 -13.02 14.17
N GLN A 160 15.75 -14.07 13.36
CA GLN A 160 14.51 -14.84 13.32
C GLN A 160 14.25 -15.54 14.66
N ALA A 161 15.29 -16.15 15.23
CA ALA A 161 15.12 -16.83 16.51
C ALA A 161 14.74 -15.86 17.62
N LEU A 162 15.26 -14.63 17.57
CA LEU A 162 14.91 -13.64 18.58
C LEU A 162 13.45 -13.20 18.47
N ASP A 163 12.95 -13.10 17.24
CA ASP A 163 11.55 -12.68 17.04
C ASP A 163 10.59 -13.77 17.47
N VAL A 164 10.93 -15.03 17.19
CA VAL A 164 10.07 -16.15 17.60
C VAL A 164 9.91 -16.17 19.11
N ALA A 165 11.01 -15.97 19.84
CA ALA A 165 10.96 -16.03 21.30
C ALA A 165 10.12 -14.88 21.86
N MET A 166 10.34 -13.66 21.37
CA MET A 166 9.66 -12.50 21.93
C MET A 166 8.17 -12.47 21.60
N ARG A 167 7.70 -13.29 20.66
CA ARG A 167 6.29 -13.31 20.30
C ARG A 167 5.63 -14.67 20.54
N HIS A 168 6.35 -15.63 21.11
CA HIS A 168 5.78 -16.96 21.32
C HIS A 168 4.55 -16.91 22.22
N LEU A 169 4.63 -16.15 23.32
CA LEU A 169 3.52 -16.10 24.27
C LEU A 169 2.31 -15.42 23.65
N ALA A 170 2.51 -14.29 22.96
CA ALA A 170 1.41 -13.60 22.31
C ALA A 170 0.73 -14.50 21.27
N SER A 171 1.53 -15.33 20.58
CA SER A 171 0.97 -16.25 19.60
C SER A 171 0.08 -17.31 20.23
N MET A 172 0.20 -17.54 21.54
CA MET A 172 -0.64 -18.51 22.23
C MET A 172 -1.87 -17.90 22.86
N ARG A 173 -1.90 -16.56 23.00
CA ARG A 173 -2.98 -15.88 23.70
C ARG A 173 -3.81 -14.95 22.82
N TYR A 174 -3.32 -14.59 21.65
CA TYR A 174 -4.01 -13.66 20.75
C TYR A 174 -4.26 -14.33 19.40
N THR A 175 -4.87 -13.56 18.49
CA THR A 175 -5.14 -14.01 17.14
C THR A 175 -4.13 -13.38 16.19
N PRO A 176 -3.12 -14.11 15.75
CA PRO A 176 -2.11 -13.50 14.86
C PRO A 176 -2.68 -13.25 13.47
N VAL A 177 -2.46 -12.04 12.98
CA VAL A 177 -2.70 -11.69 11.57
C VAL A 177 -1.42 -11.03 11.08
N GLY A 178 -0.65 -11.74 10.27
CA GLY A 178 0.65 -11.23 9.87
C GLY A 178 1.55 -11.10 11.08
N ARG A 179 2.17 -9.93 11.23
CA ARG A 179 3.01 -9.63 12.38
C ARG A 179 2.24 -8.91 13.48
N SER A 180 0.91 -9.00 13.48
CA SER A 180 0.07 -8.34 14.46
C SER A 180 -0.65 -9.37 15.32
N PHE A 181 -1.27 -8.88 16.39
CA PHE A 181 -2.04 -9.70 17.32
C PHE A 181 -3.31 -8.95 17.69
N PHE A 182 -4.46 -9.65 17.61
CA PHE A 182 -5.74 -9.05 17.94
C PHE A 182 -6.48 -9.94 18.94
N SER A 183 -7.39 -9.32 19.68
CA SER A 183 -8.29 -10.02 20.57
C SER A 183 -9.72 -9.57 20.27
N PRO A 184 -10.71 -10.43 20.53
CA PRO A 184 -12.10 -10.05 20.26
C PRO A 184 -12.48 -8.77 20.98
N PRO A 185 -13.30 -7.93 20.35
CA PRO A 185 -13.74 -6.70 21.02
C PRO A 185 -14.49 -6.99 22.31
N GLU A 186 -14.13 -6.27 23.37
CA GLU A 186 -14.81 -6.34 24.64
C GLU A 186 -15.36 -4.95 24.98
N GLY A 187 -16.67 -4.85 25.03
CA GLY A 187 -17.34 -3.58 25.30
C GLY A 187 -17.57 -2.71 24.09
N TYR A 188 -16.54 -2.50 23.28
CA TYR A 188 -16.66 -1.65 22.10
C TYR A 188 -17.20 -2.43 20.91
N TYR A 189 -17.59 -1.69 19.88
CA TYR A 189 -18.23 -2.29 18.70
C TYR A 189 -18.12 -1.28 17.56
N HIS A 190 -17.33 -1.61 16.54
CA HIS A 190 -17.11 -0.74 15.39
C HIS A 190 -17.59 -1.50 14.15
N PRO A 191 -18.89 -1.52 13.90
CA PRO A 191 -19.40 -2.27 12.74
C PRO A 191 -19.12 -1.53 11.44
N LEU A 192 -18.84 -2.30 10.39
CA LEU A 192 -18.60 -1.76 9.06
C LEU A 192 -19.74 -2.04 8.10
N GLY A 193 -20.78 -2.74 8.55
CA GLY A 193 -21.80 -3.22 7.63
C GLY A 193 -21.28 -4.40 6.84
N GLY A 194 -22.16 -5.07 6.11
CA GLY A 194 -21.74 -6.22 5.32
C GLY A 194 -21.16 -7.35 6.14
N GLY A 195 -21.54 -7.44 7.42
CA GLY A 195 -21.10 -8.52 8.28
C GLY A 195 -19.73 -8.39 8.86
N ARG A 196 -19.09 -7.22 8.74
CA ARG A 196 -17.71 -7.02 9.15
C ARG A 196 -17.63 -6.01 10.28
N GLU A 197 -16.76 -6.29 11.24
CA GLU A 197 -16.47 -5.40 12.36
C GLU A 197 -14.97 -5.12 12.41
N VAL A 198 -14.57 -4.26 13.35
CA VAL A 198 -13.17 -3.84 13.49
C VAL A 198 -12.62 -4.42 14.79
N TRP A 199 -11.46 -5.06 14.69
CA TRP A 199 -10.70 -5.52 15.84
C TRP A 199 -9.47 -4.65 16.02
N PHE A 200 -9.20 -4.28 17.26
CA PHE A 200 -7.99 -3.53 17.59
C PHE A 200 -6.95 -4.46 18.21
N GLY A 201 -5.71 -4.27 17.82
CA GLY A 201 -4.60 -5.06 18.33
C GLY A 201 -3.32 -4.27 18.29
N PHE A 202 -2.20 -4.97 18.12
CA PHE A 202 -0.92 -4.30 18.06
C PHE A 202 0.01 -5.04 17.10
N HIS A 203 0.99 -4.30 16.59
CA HIS A 203 2.03 -4.84 15.73
C HIS A 203 3.29 -5.06 16.55
N GLN A 204 4.03 -6.13 16.22
CA GLN A 204 5.28 -6.44 16.90
C GLN A 204 6.27 -7.01 15.90
N SER A 205 7.41 -6.33 15.75
CA SER A 205 8.49 -6.79 14.88
C SER A 205 9.82 -6.49 15.55
N VAL A 206 10.83 -7.26 15.18
CA VAL A 206 12.19 -7.11 15.71
C VAL A 206 13.14 -6.90 14.53
N ARG A 207 13.76 -5.73 14.50
CA ARG A 207 14.73 -5.34 13.49
C ARG A 207 16.00 -4.87 14.16
N PRO A 208 17.13 -4.86 13.44
CA PRO A 208 18.37 -4.31 13.97
C PRO A 208 18.52 -2.82 13.68
N ALA A 209 19.06 -2.10 14.64
CA ALA A 209 19.20 -0.65 14.53
C ALA A 209 20.54 -0.20 15.12
N MET A 210 21.42 0.27 14.24
CA MET A 210 22.75 0.72 14.62
C MET A 210 23.16 0.20 15.99
N TRP A 211 22.46 0.64 17.03
CA TRP A 211 22.96 0.51 18.39
C TRP A 211 22.24 -0.59 19.17
N LYS A 212 21.63 -1.54 18.47
CA LYS A 212 20.95 -2.61 19.16
C LYS A 212 19.78 -3.12 18.32
N MET A 213 19.37 -4.35 18.61
CA MET A 213 18.09 -4.83 18.12
C MET A 213 16.97 -3.99 18.74
N MET A 214 15.94 -3.70 17.95
CA MET A 214 14.84 -2.85 18.39
C MET A 214 13.54 -3.61 18.29
N LEU A 215 12.76 -3.60 19.37
CA LEU A 215 11.40 -4.11 19.35
C LEU A 215 10.47 -2.99 18.89
N ASN A 216 9.75 -3.24 17.80
CA ASN A 216 8.88 -2.25 17.20
C ASN A 216 7.43 -2.60 17.56
N ILE A 217 6.82 -1.77 18.41
CA ILE A 217 5.43 -1.93 18.81
C ILE A 217 4.63 -0.76 18.25
N ASP A 218 3.41 -1.05 17.80
CA ASP A 218 2.50 -0.01 17.32
C ASP A 218 1.08 -0.52 17.46
N VAL A 219 0.13 0.41 17.53
CA VAL A 219 -1.27 0.03 17.49
C VAL A 219 -1.63 -0.37 16.07
N SER A 220 -2.43 -1.44 15.94
CA SER A 220 -2.86 -1.95 14.66
C SER A 220 -4.36 -2.18 14.69
N ALA A 221 -4.96 -2.31 13.51
CA ALA A 221 -6.41 -2.46 13.41
C ALA A 221 -6.74 -3.09 12.07
N THR A 222 -7.59 -4.10 12.08
CA THR A 222 -8.01 -4.76 10.85
C THR A 222 -9.44 -5.23 11.01
N ALA A 223 -10.05 -5.60 9.88
CA ALA A 223 -11.45 -5.99 9.84
C ALA A 223 -11.61 -7.48 10.06
N PHE A 224 -12.69 -7.86 10.74
CA PHE A 224 -13.07 -9.24 10.97
C PHE A 224 -14.54 -9.42 10.65
N TYR A 225 -14.94 -10.66 10.41
CA TYR A 225 -16.35 -10.98 10.26
C TYR A 225 -17.02 -11.06 11.62
N LYS A 226 -18.21 -10.48 11.72
CA LYS A 226 -18.96 -10.53 12.97
C LYS A 226 -19.29 -11.97 13.33
N ALA A 227 -19.22 -12.28 14.62
CA ALA A 227 -19.67 -13.57 15.13
C ALA A 227 -21.18 -13.48 15.32
N GLN A 228 -21.91 -13.74 14.25
CA GLN A 228 -23.36 -13.57 14.23
C GLN A 228 -23.98 -14.70 13.44
N PRO A 229 -25.28 -14.97 13.66
CA PRO A 229 -25.96 -15.99 12.86
C PRO A 229 -25.88 -15.70 11.37
N VAL A 230 -25.84 -16.77 10.59
CA VAL A 230 -25.70 -16.64 9.13
C VAL A 230 -26.88 -15.87 8.54
N ILE A 231 -28.07 -16.01 9.14
CA ILE A 231 -29.22 -15.22 8.67
C ILE A 231 -28.94 -13.73 8.82
N GLU A 232 -28.44 -13.33 10.00
CA GLU A 232 -28.07 -11.93 10.20
C GLU A 232 -26.93 -11.52 9.28
N PHE A 233 -25.97 -12.42 9.07
CA PHE A 233 -24.90 -12.14 8.12
C PHE A 233 -25.44 -11.95 6.71
N MET A 234 -26.38 -12.80 6.31
CA MET A 234 -27.00 -12.66 4.98
C MET A 234 -27.72 -11.34 4.84
N CYS A 235 -28.43 -10.91 5.88
CA CYS A 235 -29.19 -9.66 5.81
C CYS A 235 -28.27 -8.45 5.70
N GLU A 236 -27.14 -8.47 6.40
CA GLU A 236 -26.21 -7.33 6.31
C GLU A 236 -25.52 -7.28 4.95
N VAL A 237 -25.23 -8.45 4.37
CA VAL A 237 -24.61 -8.48 3.05
C VAL A 237 -25.60 -8.01 1.98
N LEU A 238 -26.89 -8.30 2.15
CA LEU A 238 -27.89 -7.98 1.14
C LEU A 238 -28.76 -6.77 1.51
N ASP A 239 -28.58 -6.20 2.71
CA ASP A 239 -29.33 -5.04 3.16
C ASP A 239 -30.82 -5.35 3.29
N ILE A 240 -31.22 -5.89 4.40
CA ILE A 240 -32.56 -6.26 4.55
C ILE A 240 -32.86 -6.25 6.00
N ARG A 241 -34.03 -5.70 6.32
CA ARG A 241 -34.62 -5.68 7.66
C ARG A 241 -35.74 -6.69 7.40
N ASN A 242 -35.79 -7.73 8.22
CA ASN A 242 -36.82 -8.77 8.07
C ASN A 242 -38.05 -8.46 8.89
N GLN A 246 -41.36 -10.52 5.82
CA GLN A 246 -41.85 -10.01 4.53
C GLN A 246 -41.25 -11.03 3.58
N PRO A 247 -41.69 -12.29 3.67
CA PRO A 247 -40.84 -13.39 3.17
C PRO A 247 -40.80 -13.46 1.67
N LYS A 248 -39.59 -13.58 1.13
CA LYS A 248 -39.35 -13.85 -0.29
C LYS A 248 -38.16 -14.79 -0.39
N PRO A 249 -38.07 -15.61 -1.42
CA PRO A 249 -36.81 -16.32 -1.71
C PRO A 249 -35.76 -15.35 -2.22
N LEU A 250 -34.52 -15.83 -2.28
CA LEU A 250 -33.43 -15.01 -2.79
C LEU A 250 -33.46 -14.99 -4.31
N THR A 251 -33.32 -13.80 -4.90
CA THR A 251 -33.20 -13.72 -6.34
C THR A 251 -31.86 -14.29 -6.80
N ASP A 252 -31.74 -14.50 -8.11
CA ASP A 252 -30.49 -14.99 -8.66
C ASP A 252 -29.36 -14.00 -8.38
N SER A 253 -29.64 -12.71 -8.47
CA SER A 253 -28.64 -11.69 -8.15
C SER A 253 -28.25 -11.75 -6.68
N GLN A 254 -29.22 -11.97 -5.80
CA GLN A 254 -28.93 -12.00 -4.36
C GLN A 254 -28.21 -13.28 -3.97
N ARG A 255 -28.58 -14.42 -4.58
CA ARG A 255 -27.93 -15.68 -4.24
C ARG A 255 -26.45 -15.64 -4.59
N VAL A 256 -26.11 -15.03 -5.73
CA VAL A 256 -24.71 -14.98 -6.16
C VAL A 256 -23.92 -14.05 -5.24
N ARG A 257 -24.44 -12.85 -4.99
CA ARG A 257 -23.73 -11.90 -4.13
C ARG A 257 -23.55 -12.45 -2.72
N PHE A 258 -24.56 -13.15 -2.21
CA PHE A 258 -24.42 -13.80 -0.91
C PHE A 258 -23.41 -14.92 -0.96
N THR A 259 -23.31 -15.62 -2.10
CA THR A 259 -22.32 -16.69 -2.23
C THR A 259 -20.90 -16.12 -2.27
N LYS A 260 -20.68 -15.05 -3.03
CA LYS A 260 -19.35 -14.46 -3.14
C LYS A 260 -18.84 -13.94 -1.79
N GLU A 261 -19.73 -13.72 -0.83
CA GLU A 261 -19.33 -13.18 0.46
C GLU A 261 -19.04 -14.25 1.50
N ILE A 262 -19.73 -15.39 1.45
CA ILE A 262 -19.62 -16.42 2.47
C ILE A 262 -18.86 -17.65 2.00
N LYS A 263 -18.62 -17.80 0.69
CA LYS A 263 -17.85 -18.93 0.19
C LYS A 263 -16.45 -18.92 0.81
N GLY A 264 -16.05 -20.08 1.34
CA GLY A 264 -14.76 -20.23 1.98
C GLY A 264 -14.76 -19.99 3.48
N LEU A 265 -15.73 -19.24 3.99
CA LEU A 265 -15.80 -18.97 5.42
C LEU A 265 -16.19 -20.23 6.18
N LYS A 266 -16.05 -20.17 7.50
CA LYS A 266 -16.36 -21.27 8.38
C LYS A 266 -17.60 -20.95 9.22
N VAL A 267 -18.42 -21.97 9.47
CA VAL A 267 -19.64 -21.81 10.25
C VAL A 267 -19.71 -22.94 11.27
N GLU A 268 -20.55 -22.73 12.29
CA GLU A 268 -20.73 -23.70 13.37
C GLU A 268 -22.21 -23.97 13.58
N VAL A 269 -22.55 -25.22 13.85
CA VAL A 269 -23.94 -25.65 13.94
C VAL A 269 -24.43 -25.55 15.38
N THR A 270 -25.73 -25.31 15.53
CA THR A 270 -26.34 -25.10 16.84
C THR A 270 -27.35 -26.17 17.23
N HIS A 271 -27.82 -26.98 16.29
CA HIS A 271 -28.84 -27.98 16.61
C HIS A 271 -28.27 -29.13 17.44
N CYS A 272 -27.08 -29.59 17.09
CA CYS A 272 -26.43 -30.65 17.85
C CYS A 272 -25.98 -30.14 19.22
N LYS A 276 -21.74 -29.40 18.24
CA LYS A 276 -21.32 -28.01 18.09
C LYS A 276 -20.18 -27.91 17.07
N ARG A 277 -20.33 -28.67 15.98
CA ARG A 277 -19.27 -28.85 15.02
C ARG A 277 -18.97 -27.55 14.26
N LYS A 278 -17.95 -27.60 13.42
CA LYS A 278 -17.53 -26.49 12.58
C LYS A 278 -17.26 -26.99 11.17
N TYR A 279 -17.70 -26.21 10.18
CA TYR A 279 -17.55 -26.56 8.77
C TYR A 279 -17.04 -25.37 7.97
N ARG A 280 -16.35 -25.66 6.87
CA ARG A 280 -15.98 -24.66 5.88
C ARG A 280 -17.02 -24.65 4.76
N VAL A 281 -17.54 -23.48 4.44
CA VAL A 281 -18.55 -23.35 3.41
C VAL A 281 -17.87 -23.33 2.04
N CYS A 282 -18.33 -24.20 1.14
CA CYS A 282 -17.78 -24.27 -0.20
C CYS A 282 -18.73 -23.79 -1.29
N ASN A 283 -20.03 -23.72 -1.02
CA ASN A 283 -20.99 -23.26 -2.01
C ASN A 283 -22.31 -22.97 -1.32
N VAL A 284 -23.19 -22.28 -2.04
CA VAL A 284 -24.56 -22.03 -1.62
C VAL A 284 -25.48 -22.67 -2.65
N THR A 285 -26.37 -23.55 -2.19
CA THR A 285 -27.22 -24.31 -3.09
C THR A 285 -28.08 -23.38 -3.94
N ARG A 286 -28.21 -23.74 -5.22
CA ARG A 286 -29.05 -22.98 -6.15
C ARG A 286 -30.51 -23.24 -5.84
N ARG A 287 -30.75 -24.04 -4.80
CA ARG A 287 -32.03 -24.65 -4.48
C ARG A 287 -32.39 -24.38 -3.03
N PRO A 288 -33.65 -24.09 -2.73
CA PRO A 288 -34.05 -23.82 -1.35
C PRO A 288 -33.98 -25.08 -0.50
N ALA A 289 -34.09 -24.87 0.82
CA ALA A 289 -33.94 -25.98 1.76
C ALA A 289 -35.05 -27.02 1.60
N SER A 290 -36.24 -26.58 1.19
CA SER A 290 -37.34 -27.52 1.01
C SER A 290 -37.20 -28.37 -0.24
N HIS A 291 -36.40 -27.93 -1.20
CA HIS A 291 -36.20 -28.67 -2.45
C HIS A 291 -34.86 -29.38 -2.53
N GLN A 292 -33.82 -28.84 -1.90
CA GLN A 292 -32.50 -29.45 -1.98
C GLN A 292 -32.51 -30.85 -1.36
N THR A 293 -32.16 -31.85 -2.16
CA THR A 293 -32.22 -33.24 -1.74
C THR A 293 -30.83 -33.85 -1.70
N PHE A 294 -30.76 -35.06 -1.17
CA PHE A 294 -29.52 -35.79 -0.98
C PHE A 294 -29.85 -37.23 -0.59
N PRO A 295 -28.94 -38.18 -0.81
CA PRO A 295 -29.17 -39.55 -0.36
C PRO A 295 -29.28 -39.67 1.16
N GLU A 305 -33.78 -38.03 -2.91
CA GLU A 305 -34.08 -39.09 -1.96
C GLU A 305 -34.72 -38.53 -0.69
N CYS A 306 -34.19 -37.42 -0.20
CA CYS A 306 -34.70 -36.78 1.01
C CYS A 306 -34.30 -35.32 1.02
N THR A 307 -35.26 -34.44 1.31
CA THR A 307 -35.00 -33.01 1.37
C THR A 307 -34.40 -32.64 2.71
N VAL A 308 -33.64 -31.54 2.73
CA VAL A 308 -33.01 -31.08 3.96
C VAL A 308 -34.07 -30.70 4.99
N ALA A 309 -35.17 -30.11 4.54
CA ALA A 309 -36.23 -29.70 5.46
C ALA A 309 -36.84 -30.91 6.17
N GLN A 310 -37.19 -31.95 5.41
CA GLN A 310 -37.76 -33.14 6.01
C GLN A 310 -36.75 -33.87 6.88
N TYR A 311 -35.48 -33.87 6.49
CA TYR A 311 -34.45 -34.51 7.29
C TYR A 311 -34.31 -33.84 8.64
N PHE A 312 -34.44 -32.51 8.68
CA PHE A 312 -34.38 -31.79 9.95
C PHE A 312 -35.70 -31.83 10.71
N LYS A 313 -36.76 -32.38 10.12
CA LYS A 313 -38.00 -32.65 10.84
C LYS A 313 -38.02 -34.05 11.42
N GLN A 314 -37.50 -34.97 10.59
CA GLN A 314 -37.36 -36.40 10.77
C GLN A 314 -36.31 -36.77 11.79
N LYS A 315 -35.64 -35.75 12.29
CA LYS A 315 -34.66 -35.85 13.35
C LYS A 315 -34.95 -34.69 14.25
N TYR A 316 -33.88 -34.03 14.71
CA TYR A 316 -33.86 -32.89 15.61
C TYR A 316 -35.17 -32.19 15.83
N ASN A 317 -36.19 -32.78 15.22
CA ASN A 317 -37.53 -32.22 15.36
C ASN A 317 -37.50 -30.70 15.23
N LEU A 318 -36.94 -30.25 14.11
CA LEU A 318 -36.86 -28.83 13.78
C LEU A 318 -37.71 -28.56 12.54
N GLN A 319 -38.68 -27.66 12.67
CA GLN A 319 -39.43 -27.16 11.54
C GLN A 319 -38.85 -25.81 11.16
N LEU A 320 -38.14 -25.78 10.03
CA LEU A 320 -37.36 -24.61 9.66
C LEU A 320 -38.22 -23.36 9.52
N LYS A 321 -37.70 -22.23 9.98
CA LYS A 321 -38.39 -20.96 9.82
C LYS A 321 -38.12 -20.31 8.48
N TYR A 322 -37.11 -20.77 7.74
CA TYR A 322 -36.78 -20.22 6.42
C TYR A 322 -36.44 -21.35 5.45
N PRO A 323 -37.42 -22.18 5.10
CA PRO A 323 -37.16 -23.22 4.09
C PRO A 323 -37.09 -22.68 2.68
N HIS A 324 -37.54 -21.45 2.43
CA HIS A 324 -37.45 -20.84 1.12
C HIS A 324 -36.04 -20.33 0.81
N LEU A 325 -35.18 -20.22 1.81
CA LEU A 325 -33.80 -19.79 1.65
C LEU A 325 -32.90 -20.97 1.30
N PRO A 326 -31.75 -20.73 0.67
CA PRO A 326 -30.87 -21.84 0.30
C PRO A 326 -30.16 -22.46 1.48
N CYS A 327 -29.40 -23.51 1.22
CA CYS A 327 -28.53 -24.14 2.21
C CYS A 327 -27.07 -23.86 1.88
N LEU A 328 -26.22 -23.97 2.89
CA LEU A 328 -24.78 -23.91 2.71
C LEU A 328 -24.25 -25.30 2.42
N GLN A 329 -23.49 -25.44 1.33
CA GLN A 329 -22.80 -26.69 1.05
C GLN A 329 -21.48 -26.70 1.79
N VAL A 330 -21.25 -27.74 2.57
CA VAL A 330 -20.06 -27.83 3.42
C VAL A 330 -19.27 -29.09 3.10
N GLN A 334 -16.82 -33.71 -4.72
CA GLN A 334 -17.68 -32.96 -3.80
C GLN A 334 -18.65 -33.86 -3.06
N LYS A 335 -18.46 -33.97 -1.75
CA LYS A 335 -19.46 -34.62 -0.92
C LYS A 335 -20.68 -33.70 -0.77
N HIS A 336 -21.84 -34.30 -0.57
CA HIS A 336 -23.11 -33.57 -0.63
C HIS A 336 -23.68 -33.45 0.78
N THR A 337 -23.11 -32.52 1.56
CA THR A 337 -23.60 -32.18 2.88
C THR A 337 -24.04 -30.73 2.89
N TYR A 338 -25.27 -30.47 3.30
CA TYR A 338 -25.87 -29.14 3.25
C TYR A 338 -26.42 -28.76 4.61
N LEU A 339 -26.24 -27.49 4.98
CA LEU A 339 -26.71 -26.96 6.26
C LEU A 339 -27.60 -25.75 6.00
N PRO A 340 -28.81 -25.71 6.56
CA PRO A 340 -29.65 -24.52 6.39
C PRO A 340 -29.09 -23.33 7.17
N LEU A 341 -29.38 -22.13 6.66
CA LEU A 341 -28.73 -20.93 7.15
C LEU A 341 -29.05 -20.63 8.62
N GLU A 342 -30.16 -21.13 9.13
CA GLU A 342 -30.63 -20.77 10.46
C GLU A 342 -29.99 -21.57 11.58
N VAL A 343 -29.35 -22.71 11.27
CA VAL A 343 -28.65 -23.49 12.28
C VAL A 343 -27.14 -23.24 12.23
N CYS A 344 -26.71 -22.15 11.60
CA CYS A 344 -25.29 -21.85 11.42
C CYS A 344 -25.00 -20.44 11.90
N ASN A 345 -23.94 -20.29 12.68
CA ASN A 345 -23.39 -19.00 13.06
C ASN A 345 -22.03 -18.82 12.37
N ILE A 346 -21.71 -17.57 12.05
CA ILE A 346 -20.35 -17.26 11.62
C ILE A 346 -19.42 -17.36 12.82
N VAL A 347 -18.32 -18.09 12.66
CA VAL A 347 -17.39 -18.29 13.76
C VAL A 347 -16.44 -17.11 13.86
N ALA A 348 -16.21 -16.64 15.08
CA ALA A 348 -15.39 -15.46 15.29
C ALA A 348 -13.92 -15.77 15.02
N GLY A 349 -13.13 -14.69 14.89
CA GLY A 349 -11.71 -14.81 14.64
C GLY A 349 -11.33 -14.91 13.18
N GLN A 350 -12.28 -14.78 12.26
CA GLN A 350 -11.99 -14.84 10.83
C GLN A 350 -11.73 -13.43 10.31
N ARG A 351 -10.48 -13.16 9.96
CA ARG A 351 -10.14 -11.87 9.39
C ARG A 351 -10.76 -11.72 8.01
N CYS A 352 -11.00 -10.47 7.62
CA CYS A 352 -11.60 -10.15 6.32
C CYS A 352 -10.50 -9.67 5.38
N ILE A 353 -10.09 -10.55 4.46
CA ILE A 353 -9.12 -10.17 3.45
C ILE A 353 -9.75 -9.50 2.24
N LYS A 354 -11.05 -9.67 2.03
CA LYS A 354 -11.71 -9.08 0.87
C LYS A 354 -11.70 -7.56 0.95
N LYS A 355 -11.82 -6.93 -0.22
CA LYS A 355 -11.77 -5.49 -0.31
C LYS A 355 -13.05 -4.87 0.26
N LEU A 356 -12.89 -3.73 0.94
CA LEU A 356 -14.02 -3.03 1.52
C LEU A 356 -14.58 -2.00 0.56
N THR A 357 -15.86 -1.68 0.73
CA THR A 357 -16.49 -0.66 -0.07
C THR A 357 -15.94 0.73 0.32
N ASP A 358 -16.36 1.75 -0.43
CA ASP A 358 -15.93 3.11 -0.10
C ASP A 358 -16.47 3.54 1.26
N ASN A 359 -17.71 3.15 1.58
CA ASN A 359 -18.26 3.46 2.90
C ASN A 359 -17.50 2.71 3.99
N GLN A 360 -17.06 1.48 3.72
CA GLN A 360 -16.44 0.67 4.76
C GLN A 360 -15.02 1.12 5.07
N THR A 361 -14.28 1.61 4.07
CA THR A 361 -12.94 2.12 4.35
C THR A 361 -13.03 3.50 5.02
N SER A 362 -13.99 4.31 4.61
CA SER A 362 -14.17 5.63 5.22
C SER A 362 -14.60 5.49 6.68
N THR A 363 -15.45 4.52 6.99
CA THR A 363 -15.90 4.35 8.36
C THR A 363 -14.85 3.68 9.23
N MET A 364 -13.93 2.91 8.63
CA MET A 364 -12.85 2.33 9.40
C MET A 364 -11.74 3.34 9.67
N ILE A 365 -11.47 4.22 8.71
CA ILE A 365 -10.49 5.28 8.92
C ILE A 365 -10.87 6.13 10.14
N LYS A 366 -12.16 6.46 10.27
CA LYS A 366 -12.60 7.28 11.38
C LYS A 366 -12.47 6.56 12.72
N ALA A 367 -12.68 5.25 12.74
CA ALA A 367 -12.60 4.47 13.98
C ALA A 367 -11.18 4.19 14.43
N THR A 368 -10.18 4.47 13.60
CA THR A 368 -8.80 4.09 13.90
C THR A 368 -7.82 5.26 13.92
N ALA A 369 -8.22 6.44 13.45
CA ALA A 369 -7.32 7.59 13.40
C ALA A 369 -7.27 8.28 14.75
N ARG A 370 -6.07 8.37 15.32
CA ARG A 370 -5.84 9.09 16.57
C ARG A 370 -4.73 10.10 16.37
N SER A 371 -4.81 11.22 17.09
CA SER A 371 -3.75 12.20 17.05
C SER A 371 -2.44 11.58 17.51
N ALA A 372 -1.33 12.17 17.07
CA ALA A 372 -0.02 11.62 17.42
C ALA A 372 0.19 11.48 18.93
N PRO A 373 -0.19 12.44 19.78
CA PRO A 373 -0.08 12.18 21.22
C PRO A 373 -0.94 11.02 21.70
N ASP A 374 -2.12 10.83 21.11
CA ASP A 374 -2.97 9.71 21.50
C ASP A 374 -2.31 8.38 21.18
N ARG A 375 -1.66 8.27 20.02
CA ARG A 375 -0.95 7.04 19.67
C ARG A 375 0.24 6.82 20.60
N GLN A 376 0.90 7.90 21.02
CA GLN A 376 1.99 7.79 21.98
C GLN A 376 1.55 7.05 23.24
N GLU A 377 0.50 7.58 23.90
CA GLU A 377 0.03 6.98 25.15
C GLU A 377 -0.57 5.60 24.93
N GLU A 378 -1.05 5.30 23.71
CA GLU A 378 -1.59 3.98 23.44
C GLU A 378 -0.50 2.95 23.27
N ILE A 379 0.55 3.28 22.49
CA ILE A 379 1.72 2.41 22.42
C ILE A 379 2.33 2.23 23.81
N SER A 380 2.32 3.29 24.61
CA SER A 380 2.80 3.19 25.99
C SER A 380 1.93 2.28 26.83
N ARG A 381 0.60 2.35 26.64
CA ARG A 381 -0.30 1.44 27.34
C ARG A 381 -0.01 -0.01 26.98
N LEU A 382 0.20 -0.28 25.70
CA LEU A 382 0.43 -1.64 25.25
C LEU A 382 1.73 -2.20 25.82
N MET A 383 2.76 -1.35 25.95
CA MET A 383 4.03 -1.80 26.51
C MET A 383 3.86 -2.19 27.97
N LYS A 384 3.20 -1.33 28.76
CA LYS A 384 2.93 -1.66 30.15
C LYS A 384 2.13 -2.95 30.27
N ASN A 385 1.11 -3.11 29.43
CA ASN A 385 0.32 -4.33 29.42
C ASN A 385 1.17 -5.53 29.02
N ALA A 386 2.05 -5.35 28.03
CA ALA A 386 2.87 -6.46 27.57
C ALA A 386 3.77 -6.98 28.68
N SER A 387 4.49 -6.09 29.35
CA SER A 387 5.46 -6.44 30.40
C SER A 387 6.40 -7.54 29.91
N TYR A 388 7.13 -7.21 28.85
CA TYR A 388 7.95 -8.20 28.17
C TYR A 388 9.04 -8.78 29.07
N ASN A 389 9.55 -7.98 30.01
CA ASN A 389 10.61 -8.47 30.89
C ASN A 389 10.11 -9.51 31.88
N LEU A 390 8.80 -9.58 32.10
CA LEU A 390 8.21 -10.60 32.96
C LEU A 390 7.63 -11.76 32.16
N ASP A 391 7.87 -11.80 30.85
CA ASP A 391 7.49 -12.95 30.04
C ASP A 391 8.39 -14.13 30.40
N PRO A 392 7.81 -15.29 30.74
CA PRO A 392 8.66 -16.45 31.09
C PRO A 392 9.52 -16.93 29.93
N TYR A 393 9.06 -16.78 28.68
CA TYR A 393 9.86 -17.22 27.55
C TYR A 393 10.98 -16.23 27.24
N ILE A 394 10.71 -14.93 27.42
CA ILE A 394 11.75 -13.93 27.22
C ILE A 394 12.84 -14.06 28.28
N GLN A 395 12.44 -14.41 29.51
CA GLN A 395 13.44 -14.65 30.56
C GLN A 395 14.20 -15.94 30.32
N GLU A 396 13.56 -16.93 29.68
CA GLU A 396 14.24 -18.19 29.38
C GLU A 396 15.50 -17.96 28.55
N PHE A 397 15.44 -17.03 27.60
CA PHE A 397 16.57 -16.71 26.75
C PHE A 397 17.34 -15.48 27.22
N GLY A 398 17.10 -15.04 28.46
CA GLY A 398 17.86 -13.94 29.03
C GLY A 398 17.70 -12.62 28.31
N ILE A 399 16.57 -12.41 27.63
CA ILE A 399 16.33 -11.19 26.87
C ILE A 399 15.82 -10.11 27.81
N LYS A 400 16.30 -8.88 27.61
CA LYS A 400 15.90 -7.73 28.41
C LYS A 400 15.37 -6.65 27.47
N VAL A 401 14.20 -6.10 27.79
CA VAL A 401 13.51 -5.15 26.93
C VAL A 401 13.49 -3.78 27.61
N LYS A 402 13.82 -2.73 26.87
CA LYS A 402 13.81 -1.38 27.41
C LYS A 402 12.38 -0.88 27.57
N ASP A 403 12.14 -0.15 28.66
CA ASP A 403 10.78 0.22 29.02
C ASP A 403 10.25 1.38 28.20
N ASP A 404 11.10 2.36 27.89
CA ASP A 404 10.66 3.62 27.30
C ASP A 404 11.03 3.72 25.84
N MET A 405 10.31 4.59 25.13
CA MET A 405 10.53 4.79 23.70
C MET A 405 11.90 5.39 23.45
N THR A 406 12.55 4.92 22.39
CA THR A 406 13.90 5.37 22.06
C THR A 406 13.89 6.85 21.69
N GLU A 407 14.84 7.59 22.25
CA GLU A 407 15.04 8.99 21.89
C GLU A 407 16.07 9.10 20.78
N VAL A 408 15.79 9.99 19.82
CA VAL A 408 16.70 10.24 18.71
C VAL A 408 16.49 11.67 18.25
N THR A 409 17.58 12.34 17.88
CA THR A 409 17.52 13.70 17.38
C THR A 409 17.53 13.67 15.85
N GLY A 410 16.42 14.08 15.24
CA GLY A 410 16.32 14.20 13.81
C GLY A 410 16.51 15.65 13.35
N ARG A 411 16.43 15.82 12.04
CA ARG A 411 16.66 17.11 11.40
C ARG A 411 15.46 17.47 10.54
N VAL A 412 14.97 18.70 10.68
CA VAL A 412 13.92 19.22 9.81
C VAL A 412 14.61 19.86 8.62
N LEU A 413 14.54 19.22 7.46
CA LEU A 413 15.21 19.73 6.27
C LEU A 413 14.57 21.04 5.83
N PRO A 414 15.36 21.94 5.22
CA PRO A 414 14.78 23.18 4.69
C PRO A 414 14.04 22.93 3.39
N ALA A 415 12.87 23.55 3.27
CA ALA A 415 12.03 23.31 2.11
C ALA A 415 12.59 24.03 0.88
N PRO A 416 12.52 23.42 -0.29
CA PRO A 416 12.95 24.11 -1.51
C PRO A 416 11.98 25.23 -1.87
N ILE A 417 12.44 26.11 -2.75
CA ILE A 417 11.63 27.22 -3.24
C ILE A 417 11.12 26.87 -4.63
N LEU A 418 9.82 27.04 -4.85
CA LEU A 418 9.21 26.76 -6.13
C LEU A 418 9.18 28.03 -6.98
N GLN A 419 9.64 27.93 -8.21
CA GLN A 419 9.67 29.05 -9.14
C GLN A 419 8.42 29.02 -10.00
N TYR A 420 7.63 30.08 -9.94
CA TYR A 420 6.48 30.25 -10.82
C TYR A 420 6.81 31.27 -11.90
N GLY A 421 5.94 31.34 -12.90
CA GLY A 421 6.17 32.21 -14.03
C GLY A 421 5.13 33.31 -14.15
N GLY A 422 4.59 33.49 -15.36
CA GLY A 422 3.60 34.51 -15.55
C GLY A 422 4.17 35.91 -15.43
N ARG A 423 3.26 36.88 -15.31
CA ARG A 423 3.66 38.28 -15.28
C ARG A 423 4.54 38.59 -14.07
N ASN A 424 4.26 37.96 -12.92
CA ASN A 424 4.98 38.28 -11.70
C ASN A 424 6.28 37.51 -11.54
N ARG A 425 6.37 36.30 -12.10
CA ARG A 425 7.54 35.43 -11.91
C ARG A 425 7.79 35.20 -10.42
N ALA A 426 6.70 35.06 -9.67
CA ALA A 426 6.79 34.94 -8.23
C ALA A 426 7.40 33.60 -7.84
N ILE A 427 7.83 33.52 -6.58
CA ILE A 427 8.34 32.29 -6.00
C ILE A 427 7.42 31.88 -4.87
N ALA A 428 7.56 30.62 -4.45
CA ALA A 428 6.74 30.05 -3.39
C ALA A 428 7.65 29.58 -2.26
N THR A 429 7.43 30.09 -1.05
CA THR A 429 8.15 29.65 0.13
C THR A 429 7.27 28.72 0.92
N PRO A 430 7.49 27.41 0.88
CA PRO A 430 6.64 26.48 1.64
C PRO A 430 6.73 26.73 3.13
N ASN A 431 5.57 26.71 3.79
CA ASN A 431 5.47 26.88 5.24
C ASN A 431 4.70 25.70 5.79
N GLN A 432 5.36 24.91 6.64
CA GLN A 432 4.78 23.68 7.18
C GLN A 432 4.39 22.71 6.07
N GLY A 433 5.20 22.68 5.01
CA GLY A 433 4.95 21.80 3.89
C GLY A 433 3.74 22.19 3.05
N VAL A 434 3.35 23.46 3.05
CA VAL A 434 2.17 23.94 2.35
C VAL A 434 2.48 25.30 1.74
N TRP A 435 1.96 25.56 0.54
CA TRP A 435 1.98 26.90 -0.03
C TRP A 435 0.71 27.08 -0.87
N ASP A 436 0.55 28.26 -1.45
CA ASP A 436 -0.65 28.58 -2.21
C ASP A 436 -0.30 29.31 -3.50
N MET A 437 -1.32 29.52 -4.34
CA MET A 437 -1.18 30.16 -5.63
C MET A 437 -1.44 31.66 -5.60
N ARG A 438 -1.67 32.25 -4.42
CA ARG A 438 -2.04 33.65 -4.33
C ARG A 438 -0.98 34.57 -4.91
N GLY A 439 -1.29 35.22 -6.02
CA GLY A 439 -0.35 36.11 -6.68
C GLY A 439 0.62 35.43 -7.62
N LYS A 440 0.44 34.15 -7.90
CA LYS A 440 1.37 33.38 -8.71
C LYS A 440 0.67 32.85 -9.96
N GLN A 441 1.43 32.77 -11.05
CA GLN A 441 0.98 32.18 -12.30
C GLN A 441 1.89 31.02 -12.66
N PHE A 442 1.37 30.12 -13.50
CA PHE A 442 2.12 28.93 -13.87
C PHE A 442 3.42 29.29 -14.57
N TYR A 443 4.44 28.46 -14.33
CA TYR A 443 5.73 28.65 -14.99
C TYR A 443 5.57 28.67 -16.50
N ASN A 444 4.78 27.73 -17.04
CA ASN A 444 4.32 27.77 -18.42
C ASN A 444 2.82 27.55 -18.41
N GLY A 445 2.05 28.60 -18.71
CA GLY A 445 0.61 28.52 -18.74
C GLY A 445 0.10 28.17 -20.13
N ILE A 446 -0.89 27.30 -20.17
CA ILE A 446 -1.47 26.85 -21.44
C ILE A 446 -2.66 27.74 -21.77
N GLU A 447 -2.65 28.31 -22.96
CA GLU A 447 -3.73 29.17 -23.43
C GLU A 447 -4.82 28.30 -24.03
N ILE A 448 -5.93 28.14 -23.31
CA ILE A 448 -7.01 27.24 -23.72
C ILE A 448 -7.94 28.01 -24.66
N LYS A 449 -7.92 27.65 -25.94
CA LYS A 449 -8.74 28.32 -26.95
C LYS A 449 -10.00 27.56 -27.30
N VAL A 450 -9.93 26.24 -27.42
CA VAL A 450 -11.08 25.40 -27.79
C VAL A 450 -11.29 24.38 -26.69
N TRP A 451 -12.53 24.29 -26.20
CA TRP A 451 -12.86 23.34 -25.16
C TRP A 451 -14.36 23.06 -25.20
N ALA A 452 -14.74 21.87 -24.72
CA ALA A 452 -16.12 21.43 -24.71
C ALA A 452 -16.49 20.91 -23.34
N ILE A 453 -17.79 20.96 -23.04
CA ILE A 453 -18.34 20.49 -21.78
C ILE A 453 -19.34 19.38 -22.07
N ALA A 454 -19.18 18.25 -21.39
CA ALA A 454 -20.13 17.15 -21.47
C ALA A 454 -20.68 16.89 -20.07
N CYS A 455 -21.95 17.18 -19.87
CA CYS A 455 -22.59 17.01 -18.56
C CYS A 455 -23.31 15.67 -18.53
N PHE A 456 -23.04 14.89 -17.48
CA PHE A 456 -23.66 13.58 -17.31
C PHE A 456 -24.55 13.49 -16.08
N ALA A 457 -24.80 14.60 -15.42
CA ALA A 457 -25.85 14.66 -14.42
C ALA A 457 -27.15 15.13 -15.07
N PRO A 458 -28.31 14.67 -14.60
CA PRO A 458 -29.57 15.12 -15.20
C PRO A 458 -29.73 16.63 -15.05
N GLN A 459 -30.27 17.25 -16.10
CA GLN A 459 -30.37 18.70 -16.13
C GLN A 459 -31.24 19.25 -15.00
N LYS A 460 -32.09 18.41 -14.40
CA LYS A 460 -32.81 18.83 -13.21
C LYS A 460 -31.86 19.19 -12.08
N GLN A 461 -30.71 18.52 -12.00
CA GLN A 461 -29.73 18.76 -10.96
C GLN A 461 -28.69 19.81 -11.35
N CYS A 462 -28.48 20.04 -12.65
CA CYS A 462 -27.41 20.90 -13.14
C CYS A 462 -27.92 21.69 -14.34
N ARG A 463 -28.81 22.66 -14.08
CA ARG A 463 -29.44 23.42 -15.14
C ARG A 463 -28.41 24.35 -15.80
N GLU A 464 -28.85 25.00 -16.88
CA GLU A 464 -27.95 25.87 -17.63
C GLU A 464 -27.41 27.02 -16.78
N GLU A 465 -28.20 27.49 -15.81
CA GLU A 465 -27.80 28.66 -15.03
C GLU A 465 -26.60 28.36 -14.13
N VAL A 466 -26.52 27.14 -13.58
CA VAL A 466 -25.39 26.80 -12.72
C VAL A 466 -24.16 26.40 -13.53
N LEU A 467 -24.34 25.91 -14.76
CA LEU A 467 -23.21 25.66 -15.64
C LEU A 467 -22.50 26.96 -16.00
N LYS A 468 -23.27 28.00 -16.34
CA LYS A 468 -22.69 29.28 -16.72
C LYS A 468 -21.89 29.87 -15.56
N ASN A 469 -22.40 29.75 -14.33
CA ASN A 469 -21.67 30.26 -13.18
C ASN A 469 -20.37 29.48 -12.96
N PHE A 470 -20.40 28.17 -13.19
CA PHE A 470 -19.20 27.35 -13.01
C PHE A 470 -18.08 27.80 -13.93
N THR A 471 -18.36 27.86 -15.24
CA THR A 471 -17.32 28.21 -16.20
C THR A 471 -16.81 29.63 -15.97
N ASP A 472 -17.69 30.55 -15.61
CA ASP A 472 -17.27 31.93 -15.32
C ASP A 472 -16.27 31.96 -14.17
N GLN A 473 -16.57 31.24 -13.09
CA GLN A 473 -15.63 31.18 -11.97
C GLN A 473 -14.33 30.52 -12.38
N LEU A 474 -14.41 29.39 -13.10
CA LEU A 474 -13.21 28.70 -13.53
C LEU A 474 -12.40 29.55 -14.50
N ARG A 475 -13.07 30.20 -15.46
CA ARG A 475 -12.36 31.05 -16.41
C ARG A 475 -11.59 32.15 -15.70
N LYS A 476 -12.21 32.77 -14.69
CA LYS A 476 -11.55 33.84 -13.95
C LYS A 476 -10.33 33.32 -13.20
N ILE A 477 -10.50 32.22 -12.46
CA ILE A 477 -9.40 31.66 -11.69
C ILE A 477 -8.31 31.11 -12.62
N SER A 478 -8.70 30.59 -13.78
CA SER A 478 -7.72 30.07 -14.72
C SER A 478 -6.86 31.19 -15.29
N LYS A 479 -7.45 32.35 -15.56
CA LYS A 479 -6.66 33.49 -16.02
C LYS A 479 -5.74 34.00 -14.90
N ASP A 480 -6.22 33.97 -13.66
CA ASP A 480 -5.38 34.36 -12.53
C ASP A 480 -4.12 33.49 -12.47
N ALA A 481 -4.28 32.19 -12.63
CA ALA A 481 -3.15 31.26 -12.59
C ALA A 481 -2.31 31.30 -13.85
N GLY A 482 -2.63 32.16 -14.82
CA GLY A 482 -1.87 32.23 -16.05
C GLY A 482 -2.26 31.20 -17.08
N MET A 483 -3.44 30.57 -16.94
CA MET A 483 -3.93 29.55 -17.86
C MET A 483 -5.24 30.08 -18.45
N PRO A 484 -5.18 30.99 -19.41
CA PRO A 484 -6.41 31.65 -19.89
C PRO A 484 -7.38 30.70 -20.58
N ILE A 485 -8.51 30.41 -19.95
CA ILE A 485 -9.63 29.77 -20.62
C ILE A 485 -10.40 30.88 -21.33
N GLN A 486 -10.10 31.10 -22.60
CA GLN A 486 -10.54 32.29 -23.31
C GLN A 486 -11.95 32.15 -23.88
N GLY A 487 -12.15 31.14 -24.72
CA GLY A 487 -13.43 31.01 -25.38
C GLY A 487 -14.50 30.43 -24.47
N GLN A 488 -15.75 30.58 -24.91
CA GLN A 488 -16.85 29.82 -24.35
C GLN A 488 -16.85 28.43 -24.97
N PRO A 489 -17.50 27.45 -24.33
CA PRO A 489 -17.45 26.07 -24.84
C PRO A 489 -17.97 25.99 -26.26
N CYS A 490 -17.10 25.56 -27.17
CA CYS A 490 -17.51 25.29 -28.55
C CYS A 490 -18.57 24.20 -28.64
N PHE A 491 -18.85 23.52 -27.53
CA PHE A 491 -19.78 22.40 -27.49
C PHE A 491 -20.23 22.24 -26.05
N CYS A 492 -21.53 22.08 -25.84
CA CYS A 492 -22.06 21.94 -24.48
C CYS A 492 -23.42 21.24 -24.59
N LYS A 493 -23.44 19.94 -24.28
CA LYS A 493 -24.65 19.15 -24.39
C LYS A 493 -24.85 18.34 -23.11
N TYR A 494 -26.08 17.85 -22.95
CA TYR A 494 -26.41 16.92 -21.88
C TYR A 494 -26.41 15.50 -22.44
N ALA A 495 -25.80 14.59 -21.69
CA ALA A 495 -25.71 13.19 -22.07
C ALA A 495 -26.18 12.31 -20.92
N GLN A 496 -26.42 11.04 -21.24
CA GLN A 496 -26.87 10.08 -20.25
C GLN A 496 -26.39 8.69 -20.64
N GLY A 497 -25.73 8.01 -19.72
CA GLY A 497 -25.27 6.67 -19.98
C GLY A 497 -23.82 6.63 -20.43
N ALA A 498 -23.13 5.54 -20.08
CA ALA A 498 -21.74 5.36 -20.48
C ALA A 498 -21.61 5.06 -21.96
N ASP A 499 -22.67 4.59 -22.61
CA ASP A 499 -22.62 4.24 -24.03
C ASP A 499 -22.61 5.46 -24.94
N SER A 500 -22.79 6.65 -24.40
CA SER A 500 -22.83 7.87 -25.20
C SER A 500 -21.48 8.57 -25.30
N VAL A 501 -20.49 8.17 -24.51
CA VAL A 501 -19.25 8.94 -24.48
C VAL A 501 -18.44 8.71 -25.76
N GLU A 502 -18.37 7.46 -26.26
CA GLU A 502 -17.55 7.22 -27.45
C GLU A 502 -18.14 7.88 -28.68
N PRO A 503 -19.43 7.69 -29.02
CA PRO A 503 -19.97 8.43 -30.18
C PRO A 503 -19.85 9.93 -30.04
N MET A 504 -20.03 10.46 -28.82
CA MET A 504 -19.88 11.90 -28.61
C MET A 504 -18.42 12.32 -28.71
N PHE A 505 -17.51 11.53 -28.13
CA PHE A 505 -16.10 11.89 -28.19
C PHE A 505 -15.54 11.69 -29.59
N ARG A 506 -15.95 10.62 -30.28
CA ARG A 506 -15.63 10.49 -31.70
C ARG A 506 -16.11 11.71 -32.48
N HIS A 507 -17.32 12.18 -32.15
CA HIS A 507 -17.88 13.35 -32.84
C HIS A 507 -17.07 14.60 -32.56
N LEU A 508 -16.71 14.82 -31.29
CA LEU A 508 -15.96 16.02 -30.92
C LEU A 508 -14.63 16.10 -31.65
N LYS A 509 -13.91 14.96 -31.74
CA LYS A 509 -12.63 14.96 -32.42
C LYS A 509 -12.77 15.26 -33.92
N ASN A 510 -13.92 14.92 -34.50
CA ASN A 510 -14.13 15.15 -35.93
C ASN A 510 -14.74 16.52 -36.22
N THR A 511 -15.52 17.08 -35.29
CA THR A 511 -16.17 18.36 -35.56
C THR A 511 -15.25 19.53 -35.27
N TYR A 512 -14.56 19.51 -34.13
CA TYR A 512 -13.84 20.67 -33.61
C TYR A 512 -12.34 20.47 -33.78
N SER A 513 -11.76 21.18 -34.74
CA SER A 513 -10.33 21.16 -34.95
C SER A 513 -9.62 21.98 -33.89
N GLY A 514 -8.45 21.49 -33.45
CA GLY A 514 -7.72 22.18 -32.40
C GLY A 514 -8.37 22.10 -31.04
N LEU A 515 -9.18 21.08 -30.79
CA LEU A 515 -9.81 20.92 -29.49
C LEU A 515 -8.78 20.48 -28.45
N GLN A 516 -8.76 21.16 -27.32
CA GLN A 516 -7.76 20.91 -26.29
C GLN A 516 -8.28 20.11 -25.10
N LEU A 517 -9.49 20.40 -24.61
CA LEU A 517 -9.97 19.77 -23.39
C LEU A 517 -11.46 19.52 -23.46
N ILE A 518 -11.89 18.41 -22.85
CA ILE A 518 -13.29 18.11 -22.60
C ILE A 518 -13.50 18.11 -21.09
N ILE A 519 -14.46 18.89 -20.62
CA ILE A 519 -14.82 18.92 -19.20
C ILE A 519 -16.06 18.07 -19.01
N VAL A 520 -15.94 17.00 -18.23
CA VAL A 520 -17.00 16.02 -18.04
C VAL A 520 -17.53 16.15 -16.61
N ILE A 521 -18.81 16.49 -16.49
CA ILE A 521 -19.46 16.63 -15.19
C ILE A 521 -20.21 15.35 -14.88
N LEU A 522 -19.96 14.78 -13.70
CA LEU A 522 -20.44 13.46 -13.35
C LEU A 522 -21.33 13.51 -12.10
N PRO A 523 -22.37 12.66 -12.04
CA PRO A 523 -23.27 12.63 -10.87
C PRO A 523 -22.82 11.62 -9.82
N GLY A 524 -21.67 11.90 -9.19
CA GLY A 524 -21.14 11.00 -8.19
C GLY A 524 -20.41 9.81 -8.83
N LYS A 525 -20.35 8.72 -8.08
CA LYS A 525 -19.73 7.50 -8.58
C LYS A 525 -20.58 6.91 -9.70
N THR A 526 -19.93 6.58 -10.82
CA THR A 526 -20.65 6.12 -12.01
C THR A 526 -19.71 5.28 -12.84
N PRO A 527 -20.24 4.30 -13.60
CA PRO A 527 -19.42 3.61 -14.60
C PRO A 527 -19.05 4.49 -15.80
N VAL A 528 -19.46 5.76 -15.81
CA VAL A 528 -19.11 6.64 -16.91
C VAL A 528 -17.67 7.10 -16.81
N TYR A 529 -17.15 7.24 -15.59
CA TYR A 529 -15.78 7.74 -15.42
C TYR A 529 -14.77 6.82 -16.07
N ALA A 530 -14.89 5.51 -15.84
CA ALA A 530 -13.98 4.56 -16.48
C ALA A 530 -14.10 4.64 -18.00
N GLU A 531 -15.33 4.72 -18.51
CA GLU A 531 -15.53 4.77 -19.95
C GLU A 531 -15.10 6.11 -20.54
N VAL A 532 -15.16 7.19 -19.75
CA VAL A 532 -14.57 8.45 -20.19
C VAL A 532 -13.05 8.31 -20.32
N LYS A 533 -12.43 7.72 -19.30
CA LYS A 533 -10.97 7.55 -19.33
C LYS A 533 -10.55 6.52 -20.37
N ARG A 534 -11.32 5.44 -20.53
CA ARG A 534 -10.99 4.45 -21.54
C ARG A 534 -11.02 5.07 -22.94
N VAL A 535 -12.12 5.75 -23.27
CA VAL A 535 -12.24 6.37 -24.58
C VAL A 535 -11.20 7.47 -24.75
N GLY A 536 -11.07 8.34 -23.75
CA GLY A 536 -10.17 9.47 -23.88
C GLY A 536 -8.71 9.06 -23.94
N ASP A 537 -8.26 8.28 -22.95
CA ASP A 537 -6.84 7.98 -22.84
C ASP A 537 -6.39 6.95 -23.87
N THR A 538 -7.12 5.85 -24.00
CA THR A 538 -6.67 4.72 -24.81
C THR A 538 -7.20 4.72 -26.24
N LEU A 539 -8.39 5.27 -26.47
CA LEU A 539 -9.10 5.08 -27.74
C LEU A 539 -8.92 6.25 -28.70
N LEU A 540 -9.07 7.49 -28.23
CA LEU A 540 -9.05 8.64 -29.10
C LEU A 540 -7.91 9.62 -28.83
N GLY A 541 -7.28 9.56 -27.66
CA GLY A 541 -6.23 10.49 -27.33
C GLY A 541 -6.74 11.92 -27.19
N MET A 542 -7.58 12.14 -26.18
CA MET A 542 -8.19 13.45 -25.96
C MET A 542 -8.12 13.79 -24.47
N ALA A 543 -7.63 14.98 -24.16
CA ALA A 543 -7.55 15.42 -22.78
C ALA A 543 -8.94 15.59 -22.19
N THR A 544 -9.13 15.10 -20.98
CA THR A 544 -10.42 15.16 -20.30
C THR A 544 -10.21 15.54 -18.84
N GLN A 545 -11.11 16.38 -18.33
CA GLN A 545 -11.11 16.78 -16.92
C GLN A 545 -12.50 16.54 -16.35
N CYS A 546 -12.62 15.51 -15.52
CA CYS A 546 -13.89 15.18 -14.89
C CYS A 546 -14.05 15.96 -13.61
N VAL A 547 -15.22 16.57 -13.43
CA VAL A 547 -15.58 17.26 -12.20
C VAL A 547 -16.90 16.66 -11.71
N GLN A 548 -17.00 16.45 -10.40
CA GLN A 548 -18.25 15.95 -9.83
C GLN A 548 -19.29 17.06 -9.82
N VAL A 549 -20.54 16.70 -10.12
CA VAL A 549 -21.61 17.70 -10.20
C VAL A 549 -21.78 18.40 -8.87
N LYS A 550 -21.46 17.74 -7.76
CA LYS A 550 -21.57 18.37 -6.45
C LYS A 550 -20.67 19.60 -6.36
N ASN A 551 -19.48 19.53 -6.97
CA ASN A 551 -18.55 20.65 -6.96
C ASN A 551 -18.84 21.68 -8.05
N VAL A 552 -19.85 21.44 -8.89
CA VAL A 552 -20.29 22.45 -9.86
C VAL A 552 -21.40 23.31 -9.27
N VAL A 553 -22.33 22.70 -8.53
CA VAL A 553 -23.40 23.44 -7.90
C VAL A 553 -22.86 24.41 -6.86
N LYS A 554 -21.89 23.97 -6.06
CA LYS A 554 -21.24 24.80 -5.05
C LYS A 554 -19.75 24.81 -5.36
N THR A 555 -19.22 25.96 -5.78
CA THR A 555 -17.85 26.07 -6.25
C THR A 555 -17.01 26.80 -5.21
N SER A 556 -15.97 26.12 -4.72
CA SER A 556 -14.96 26.72 -3.86
C SER A 556 -13.79 27.19 -4.72
N PRO A 557 -13.30 28.42 -4.51
CA PRO A 557 -12.14 28.87 -5.29
C PRO A 557 -10.92 28.00 -5.10
N GLN A 558 -10.78 27.35 -3.94
CA GLN A 558 -9.69 26.39 -3.76
C GLN A 558 -9.89 25.18 -4.66
N THR A 559 -11.14 24.70 -4.78
CA THR A 559 -11.42 23.56 -5.64
C THR A 559 -11.19 23.91 -7.11
N LEU A 560 -11.53 25.13 -7.51
CA LEU A 560 -11.29 25.55 -8.89
C LEU A 560 -9.79 25.68 -9.17
N SER A 561 -9.03 26.18 -8.19
CA SER A 561 -7.58 26.29 -8.37
C SER A 561 -6.94 24.91 -8.52
N ASN A 562 -7.38 23.94 -7.71
CA ASN A 562 -6.85 22.59 -7.81
C ASN A 562 -7.23 21.93 -9.13
N LEU A 563 -8.35 22.34 -9.72
CA LEU A 563 -8.70 21.85 -11.05
C LEU A 563 -7.71 22.33 -12.10
N CYS A 564 -7.38 23.63 -12.06
CA CYS A 564 -6.47 24.20 -13.03
C CYS A 564 -5.08 23.59 -12.93
N LEU A 565 -4.63 23.23 -11.72
CA LEU A 565 -3.36 22.54 -11.58
C LEU A 565 -3.30 21.29 -12.43
N LYS A 566 -4.41 20.55 -12.49
CA LYS A 566 -4.47 19.36 -13.35
C LYS A 566 -4.64 19.76 -14.80
N ILE A 567 -5.56 20.69 -15.08
CA ILE A 567 -5.89 21.04 -16.46
C ILE A 567 -4.65 21.56 -17.21
N ASN A 568 -3.98 22.56 -16.63
CA ASN A 568 -2.79 23.12 -17.27
C ASN A 568 -1.77 22.05 -17.60
N VAL A 569 -1.67 21.02 -16.78
CA VAL A 569 -0.71 19.94 -17.01
C VAL A 569 -1.24 18.88 -17.97
N LYS A 570 -2.55 18.60 -17.94
CA LYS A 570 -3.15 17.73 -18.94
C LYS A 570 -2.97 18.27 -20.35
N LEU A 571 -2.70 19.57 -20.49
CA LEU A 571 -2.51 20.22 -21.78
C LEU A 571 -1.05 20.56 -22.05
N GLY A 572 -0.12 19.86 -21.40
CA GLY A 572 1.29 20.01 -21.70
C GLY A 572 1.98 21.19 -21.05
N GLY A 573 1.43 21.72 -19.95
CA GLY A 573 2.01 22.86 -19.29
C GLY A 573 2.89 22.49 -18.10
N ILE A 574 3.51 23.51 -17.52
CA ILE A 574 4.35 23.37 -16.34
C ILE A 574 3.81 24.32 -15.28
N ASN A 575 3.53 23.79 -14.09
CA ASN A 575 2.98 24.61 -13.01
C ASN A 575 4.08 25.40 -12.32
N ASN A 576 5.10 24.71 -11.82
CA ASN A 576 6.26 25.36 -11.22
C ASN A 576 7.48 24.51 -11.48
N ILE A 577 8.65 25.08 -11.22
CA ILE A 577 9.90 24.34 -11.23
C ILE A 577 10.64 24.62 -9.93
N LEU A 578 11.41 23.65 -9.48
CA LEU A 578 12.39 23.90 -8.44
C LEU A 578 13.31 25.01 -8.89
N VAL A 579 13.58 25.96 -7.99
CA VAL A 579 14.58 26.98 -8.27
C VAL A 579 15.87 26.25 -8.62
N PRO A 580 16.46 26.51 -9.79
CA PRO A 580 17.49 25.59 -10.29
C PRO A 580 18.76 25.57 -9.47
N HIS A 581 19.29 26.73 -9.07
CA HIS A 581 20.60 26.76 -8.44
C HIS A 581 20.62 26.21 -7.02
N GLN A 582 19.48 25.75 -6.49
CA GLN A 582 19.44 25.13 -5.17
C GLN A 582 19.24 23.62 -5.24
N ARG A 583 19.62 23.00 -6.36
CA ARG A 583 19.46 21.57 -6.55
C ARG A 583 20.78 20.84 -6.38
N SER A 584 20.70 19.52 -6.36
CA SER A 584 21.88 18.67 -6.24
C SER A 584 22.75 18.78 -7.50
N ALA A 585 24.01 18.34 -7.36
CA ALA A 585 24.96 18.44 -8.45
C ALA A 585 24.70 17.43 -9.57
N VAL A 586 23.76 16.50 -9.37
CA VAL A 586 23.41 15.57 -10.44
C VAL A 586 22.73 16.27 -11.61
N PHE A 587 22.29 17.51 -11.43
CA PHE A 587 21.68 18.28 -12.50
C PHE A 587 22.69 19.03 -13.36
N GLN A 588 23.99 18.83 -13.12
CA GLN A 588 25.01 19.39 -14.00
C GLN A 588 25.21 18.55 -15.25
N GLN A 589 24.71 17.32 -15.27
CA GLN A 589 24.76 16.42 -16.40
C GLN A 589 23.37 15.84 -16.62
N PRO A 590 23.07 15.34 -17.83
CA PRO A 590 21.74 14.79 -18.09
C PRO A 590 21.39 13.66 -17.14
N VAL A 591 20.24 13.79 -16.47
CA VAL A 591 19.78 12.79 -15.51
C VAL A 591 18.29 12.59 -15.72
N ILE A 592 17.83 11.35 -15.54
CA ILE A 592 16.42 11.00 -15.65
C ILE A 592 15.97 10.41 -14.32
N PHE A 593 14.76 10.76 -13.90
CA PHE A 593 14.17 10.26 -12.67
C PHE A 593 13.03 9.31 -13.00
N LEU A 594 13.07 8.13 -12.41
CA LEU A 594 12.07 7.09 -12.66
C LEU A 594 11.30 6.78 -11.38
N GLY A 595 10.01 6.53 -11.53
CA GLY A 595 9.19 6.02 -10.45
C GLY A 595 8.55 4.71 -10.87
N ALA A 596 8.39 3.81 -9.91
CA ALA A 596 7.89 2.48 -10.20
C ALA A 596 6.93 2.03 -9.11
N ASP A 597 5.92 1.25 -9.52
CA ASP A 597 4.96 0.70 -8.57
C ASP A 597 4.30 -0.51 -9.19
N VAL A 598 3.84 -1.42 -8.32
CA VAL A 598 3.06 -2.59 -8.72
C VAL A 598 1.82 -2.63 -7.85
N THR A 599 0.65 -2.73 -8.47
CA THR A 599 -0.60 -2.88 -7.76
C THR A 599 -1.21 -4.24 -8.08
N HIS A 600 -1.70 -4.92 -7.05
CA HIS A 600 -2.21 -6.27 -7.19
C HIS A 600 -3.74 -6.29 -7.10
N PRO A 601 -4.39 -7.29 -7.70
CA PRO A 601 -5.85 -7.34 -7.64
C PRO A 601 -6.32 -7.68 -6.25
N PRO A 602 -7.51 -7.25 -5.86
CA PRO A 602 -8.06 -7.62 -4.56
C PRO A 602 -8.25 -9.13 -4.45
N ALA A 603 -8.47 -9.58 -3.21
CA ALA A 603 -8.66 -11.00 -2.94
C ALA A 603 -9.88 -11.56 -3.64
N LYS A 607 -9.97 -13.75 -11.98
CA LYS A 607 -8.54 -13.52 -12.14
C LYS A 607 -8.25 -12.14 -12.72
N LYS A 608 -8.05 -11.16 -11.85
CA LYS A 608 -7.59 -9.90 -12.40
C LYS A 608 -6.06 -9.86 -12.41
N PRO A 609 -5.46 -9.13 -13.34
CA PRO A 609 -4.00 -9.10 -13.43
C PRO A 609 -3.39 -8.07 -12.49
N SER A 610 -2.09 -8.25 -12.25
CA SER A 610 -1.30 -7.22 -11.59
C SER A 610 -0.84 -6.20 -12.61
N ILE A 611 -0.72 -4.95 -12.17
CA ILE A 611 -0.40 -3.83 -13.05
C ILE A 611 0.89 -3.20 -12.55
N THR A 612 1.87 -3.11 -13.44
CA THR A 612 3.12 -2.41 -13.16
C THR A 612 3.15 -1.10 -13.93
N ALA A 613 3.72 -0.07 -13.33
CA ALA A 613 3.83 1.23 -13.96
C ALA A 613 5.20 1.81 -13.66
N VAL A 614 5.86 2.33 -14.67
CA VAL A 614 7.13 3.03 -14.52
C VAL A 614 7.03 4.35 -15.27
N VAL A 615 7.26 5.46 -14.56
CA VAL A 615 7.20 6.79 -15.14
C VAL A 615 8.62 7.32 -15.26
N GLY A 616 8.81 8.24 -16.19
CA GLY A 616 10.12 8.82 -16.42
C GLY A 616 10.09 10.31 -16.63
N SER A 617 10.99 11.04 -15.97
CA SER A 617 11.10 12.47 -16.19
C SER A 617 11.52 12.74 -17.63
N MET A 618 10.80 13.66 -18.27
CA MET A 618 11.10 14.03 -19.64
C MET A 618 11.82 15.37 -19.74
N ASP A 619 12.23 15.95 -18.60
CA ASP A 619 12.85 17.26 -18.62
C ASP A 619 13.85 17.37 -17.47
N ALA A 620 14.51 18.52 -17.38
CA ALA A 620 15.59 18.76 -16.44
C ALA A 620 15.14 19.48 -15.18
N HIS A 621 13.86 19.83 -15.07
CA HIS A 621 13.42 20.64 -13.94
C HIS A 621 13.49 19.88 -12.62
N PRO A 622 12.89 18.67 -12.48
CA PRO A 622 12.07 17.87 -13.39
C PRO A 622 10.56 18.02 -13.16
N SER A 623 9.78 18.18 -14.24
CA SER A 623 8.35 18.39 -14.06
C SER A 623 7.52 17.45 -14.93
N ARG A 624 7.81 17.42 -16.23
CA ARG A 624 7.08 16.56 -17.15
C ARG A 624 7.56 15.13 -17.05
N TYR A 625 6.60 14.20 -16.90
CA TYR A 625 6.87 12.79 -16.82
C TYR A 625 6.03 12.04 -17.85
N CYS A 626 6.67 11.08 -18.53
CA CYS A 626 6.01 10.16 -19.42
C CYS A 626 5.82 8.82 -18.73
N ALA A 627 4.78 8.10 -19.12
CA ALA A 627 4.33 6.91 -18.40
C ALA A 627 4.33 5.68 -19.31
N THR A 628 4.70 4.54 -18.72
CA THR A 628 4.54 3.23 -19.32
C THR A 628 3.83 2.34 -18.31
N VAL A 629 3.16 1.31 -18.82
CA VAL A 629 2.27 0.50 -17.98
C VAL A 629 2.10 -0.86 -18.63
N ARG A 630 2.03 -1.90 -17.81
CA ARG A 630 1.90 -3.28 -18.27
C ARG A 630 0.92 -4.04 -17.38
N VAL A 631 0.53 -5.21 -17.85
CA VAL A 631 -0.19 -6.19 -17.04
C VAL A 631 0.65 -7.46 -16.97
N GLN A 632 0.59 -8.12 -15.82
CA GLN A 632 1.33 -9.35 -15.60
C GLN A 632 0.49 -10.28 -14.74
N ARG A 633 0.97 -11.52 -14.57
CA ARG A 633 0.23 -12.50 -13.82
C ARG A 633 0.01 -12.03 -12.38
N PRO A 634 -1.10 -12.42 -11.75
CA PRO A 634 -1.44 -11.84 -10.44
C PRO A 634 -0.43 -12.18 -9.36
N ARG A 635 -0.13 -11.17 -8.54
CA ARG A 635 0.69 -11.34 -7.34
C ARG A 635 2.12 -11.77 -7.68
N GLN A 636 2.67 -11.19 -8.74
CA GLN A 636 4.10 -11.21 -9.01
C GLN A 636 4.66 -9.84 -8.64
N GLU A 637 5.57 -9.80 -7.66
CA GLU A 637 6.05 -8.53 -7.15
C GLU A 637 7.06 -7.87 -8.09
N ILE A 638 7.75 -8.65 -8.89
CA ILE A 638 8.77 -8.13 -9.78
C ILE A 638 8.10 -7.49 -11.00
N ILE A 639 8.67 -6.38 -11.47
CA ILE A 639 8.22 -5.76 -12.70
C ILE A 639 8.84 -6.50 -13.88
N GLU A 640 8.13 -7.50 -14.40
CA GLU A 640 8.71 -8.38 -15.41
C GLU A 640 9.17 -7.61 -16.65
N ASP A 641 8.36 -6.67 -17.12
CA ASP A 641 8.65 -5.93 -18.33
C ASP A 641 9.51 -4.69 -18.09
N LEU A 642 10.26 -4.65 -16.98
CA LEU A 642 10.97 -3.43 -16.62
C LEU A 642 12.00 -3.04 -17.67
N SER A 643 12.66 -4.03 -18.29
CA SER A 643 13.74 -3.73 -19.22
C SER A 643 13.23 -2.93 -20.42
N TYR A 644 12.09 -3.33 -20.98
CA TYR A 644 11.57 -2.60 -22.14
C TYR A 644 10.84 -1.33 -21.74
N MET A 645 10.25 -1.30 -20.53
CA MET A 645 9.63 -0.07 -20.06
C MET A 645 10.66 1.04 -19.85
N VAL A 646 11.82 0.68 -19.32
CA VAL A 646 12.91 1.64 -19.18
C VAL A 646 13.42 2.07 -20.54
N ARG A 647 13.47 1.15 -21.50
CA ARG A 647 13.92 1.49 -22.85
C ARG A 647 13.04 2.56 -23.48
N GLU A 648 11.72 2.39 -23.36
CA GLU A 648 10.79 3.37 -23.91
C GLU A 648 10.98 4.74 -23.26
N LEU A 649 11.16 4.77 -21.94
CA LEU A 649 11.33 6.04 -21.25
C LEU A 649 12.65 6.70 -21.63
N LEU A 650 13.72 5.91 -21.80
CA LEU A 650 14.99 6.47 -22.23
C LEU A 650 14.89 7.05 -23.63
N ILE A 651 14.13 6.41 -24.52
CA ILE A 651 13.97 6.92 -25.88
C ILE A 651 13.13 8.19 -25.87
N GLN A 652 12.07 8.24 -25.05
CA GLN A 652 11.27 9.45 -24.96
C GLN A 652 12.07 10.60 -24.37
N PHE A 653 12.88 10.32 -23.33
CA PHE A 653 13.76 11.34 -22.78
C PHE A 653 14.68 11.91 -23.86
N TYR A 654 15.26 11.04 -24.68
CA TYR A 654 16.18 11.48 -25.71
C TYR A 654 15.47 12.31 -26.78
N LYS A 655 14.20 12.03 -27.05
CA LYS A 655 13.46 12.82 -28.03
C LYS A 655 13.06 14.17 -27.46
N SER A 656 12.75 14.22 -26.16
CA SER A 656 12.28 15.47 -25.56
C SER A 656 13.41 16.44 -25.27
N THR A 657 14.62 15.94 -25.02
CA THR A 657 15.74 16.78 -24.61
C THR A 657 16.91 16.77 -25.57
N ARG A 658 17.03 15.77 -26.45
CA ARG A 658 18.21 15.57 -27.29
C ARG A 658 19.45 15.30 -26.43
N PHE A 659 19.25 14.74 -25.24
CA PHE A 659 20.33 14.35 -24.34
C PHE A 659 20.13 12.91 -23.91
N LYS A 660 21.24 12.24 -23.64
CA LYS A 660 21.22 10.89 -23.10
C LYS A 660 21.63 10.93 -21.64
N PRO A 661 20.84 10.33 -20.75
CA PRO A 661 21.11 10.47 -19.30
C PRO A 661 22.42 9.79 -18.92
N THR A 662 23.26 10.52 -18.19
CA THR A 662 24.45 9.94 -17.58
C THR A 662 24.16 9.29 -16.24
N ARG A 663 22.98 9.56 -15.65
CA ARG A 663 22.60 9.00 -14.38
C ARG A 663 21.12 8.64 -14.41
N ILE A 664 20.76 7.59 -13.66
CA ILE A 664 19.39 7.13 -13.54
C ILE A 664 19.04 7.02 -12.07
N ILE A 665 18.11 7.84 -11.61
CA ILE A 665 17.62 7.79 -10.24
C ILE A 665 16.29 7.06 -10.24
N PHE A 666 16.25 5.90 -9.58
CA PHE A 666 15.13 4.98 -9.67
C PHE A 666 14.48 4.82 -8.30
N TYR A 667 13.29 5.38 -8.14
CA TYR A 667 12.51 5.25 -6.91
C TYR A 667 11.48 4.14 -7.10
N ARG A 668 11.57 3.10 -6.27
CA ARG A 668 10.74 1.91 -6.41
C ARG A 668 9.75 1.84 -5.25
N ASP A 669 8.46 1.79 -5.58
CA ASP A 669 7.40 1.75 -4.60
C ASP A 669 6.72 0.39 -4.62
N GLY A 670 6.01 0.08 -3.54
CA GLY A 670 5.24 -1.15 -3.43
C GLY A 670 6.06 -2.41 -3.25
N VAL A 671 7.08 -2.36 -2.41
CA VAL A 671 8.00 -3.48 -2.20
C VAL A 671 7.67 -4.14 -0.86
N PRO A 672 7.57 -5.46 -0.80
CA PRO A 672 7.47 -6.13 0.50
C PRO A 672 8.82 -6.69 0.95
N GLU A 673 9.19 -6.48 2.21
CA GLU A 673 10.47 -6.97 2.71
C GLU A 673 10.49 -8.49 2.71
N GLY A 674 11.68 -9.05 2.47
CA GLY A 674 11.79 -10.49 2.39
C GLY A 674 11.98 -10.95 0.97
N GLN A 675 11.24 -10.34 0.05
CA GLN A 675 11.47 -10.52 -1.38
C GLN A 675 12.38 -9.45 -1.96
N LEU A 676 12.91 -8.56 -1.12
CA LEU A 676 13.70 -7.43 -1.59
C LEU A 676 14.95 -7.85 -2.36
N PRO A 677 15.77 -8.80 -1.90
CA PRO A 677 16.94 -9.19 -2.71
C PRO A 677 16.58 -9.74 -4.07
N GLN A 678 15.51 -10.54 -4.14
CA GLN A 678 15.10 -11.12 -5.42
C GLN A 678 14.55 -10.06 -6.36
N ILE A 679 13.90 -9.03 -5.82
CA ILE A 679 13.36 -7.96 -6.66
C ILE A 679 14.49 -7.10 -7.21
N LEU A 680 15.42 -6.67 -6.35
CA LEU A 680 16.53 -5.84 -6.80
C LEU A 680 17.38 -6.56 -7.83
N HIS A 681 17.70 -7.83 -7.56
CA HIS A 681 18.53 -8.60 -8.48
C HIS A 681 17.96 -8.61 -9.89
N TYR A 682 16.67 -8.93 -10.02
CA TYR A 682 16.01 -8.90 -11.33
C TYR A 682 15.98 -7.49 -11.91
N GLU A 683 15.51 -6.53 -11.12
CA GLU A 683 15.18 -5.21 -11.66
C GLU A 683 16.43 -4.37 -11.93
N LEU A 684 17.45 -4.48 -11.09
CA LEU A 684 18.68 -3.75 -11.35
C LEU A 684 19.37 -4.25 -12.62
N LEU A 685 19.34 -5.56 -12.84
CA LEU A 685 19.86 -6.10 -14.09
C LEU A 685 18.97 -5.74 -15.27
N ALA A 686 17.66 -5.58 -15.03
CA ALA A 686 16.76 -5.18 -16.11
C ALA A 686 17.03 -3.76 -16.56
N ILE A 687 17.30 -2.85 -15.61
CA ILE A 687 17.66 -1.48 -15.96
C ILE A 687 18.96 -1.46 -16.75
N ARG A 688 19.97 -2.16 -16.24
CA ARG A 688 21.26 -2.25 -16.94
C ARG A 688 21.08 -2.85 -18.33
N ASP A 689 20.28 -3.91 -18.44
CA ASP A 689 20.08 -4.56 -19.73
C ASP A 689 19.46 -3.62 -20.75
N ALA A 690 18.57 -2.72 -20.31
CA ALA A 690 18.00 -1.74 -21.23
C ALA A 690 19.07 -0.81 -21.77
N CYS A 691 20.01 -0.38 -20.93
CA CYS A 691 21.09 0.48 -21.38
C CYS A 691 22.03 -0.25 -22.33
N ILE A 692 22.27 -1.54 -22.08
CA ILE A 692 23.15 -2.32 -22.95
C ILE A 692 22.56 -2.43 -24.35
N LYS A 693 21.24 -2.59 -24.44
CA LYS A 693 20.59 -2.78 -25.74
C LYS A 693 20.36 -1.48 -26.50
N LEU A 694 20.58 -0.32 -25.87
CA LEU A 694 20.41 0.95 -26.57
C LEU A 694 21.66 1.38 -27.31
N GLU A 695 22.82 1.28 -26.67
CA GLU A 695 24.10 1.62 -27.30
C GLU A 695 25.13 0.57 -26.91
N LYS A 696 26.20 0.51 -27.70
CA LYS A 696 27.22 -0.51 -27.48
C LYS A 696 28.00 -0.28 -26.20
N ASP A 697 28.20 0.98 -25.81
CA ASP A 697 29.03 1.32 -24.66
C ASP A 697 28.40 2.43 -23.83
N TYR A 698 27.10 2.29 -23.55
CA TYR A 698 26.34 3.26 -22.78
C TYR A 698 26.14 2.73 -21.37
N GLN A 699 26.88 3.30 -20.41
CA GLN A 699 26.87 2.83 -19.03
C GLN A 699 26.61 3.99 -18.07
N PRO A 700 25.36 4.43 -17.97
CA PRO A 700 25.03 5.46 -16.98
C PRO A 700 24.97 4.88 -15.58
N GLY A 701 25.20 5.75 -14.59
CA GLY A 701 25.16 5.34 -13.20
C GLY A 701 23.73 5.23 -12.69
N ILE A 702 23.48 4.18 -11.91
CA ILE A 702 22.14 3.85 -11.44
C ILE A 702 22.09 4.00 -9.93
N THR A 703 21.10 4.74 -9.44
CA THR A 703 20.76 4.79 -8.03
C THR A 703 19.39 4.16 -7.85
N TYR A 704 19.33 3.09 -7.04
CA TYR A 704 18.11 2.32 -6.83
C TYR A 704 17.67 2.53 -5.38
N ILE A 705 16.49 3.12 -5.19
CA ILE A 705 15.98 3.47 -3.88
C ILE A 705 14.60 2.85 -3.70
N VAL A 706 14.42 2.12 -2.62
CA VAL A 706 13.12 1.54 -2.27
C VAL A 706 12.40 2.52 -1.35
N VAL A 707 11.17 2.87 -1.72
CA VAL A 707 10.33 3.76 -0.92
C VAL A 707 9.29 2.91 -0.22
N GLN A 708 9.34 2.88 1.11
CA GLN A 708 8.45 2.04 1.90
C GLN A 708 7.60 2.92 2.80
N LYS A 709 6.29 2.92 2.54
CA LYS A 709 5.32 3.63 3.38
C LYS A 709 4.51 2.67 4.25
N ARG A 710 4.53 1.37 3.93
CA ARG A 710 3.80 0.35 4.67
C ARG A 710 4.72 -0.23 5.74
N HIS A 711 4.78 0.45 6.89
CA HIS A 711 5.56 -0.04 8.01
C HIS A 711 5.02 0.62 9.27
N HIS A 712 5.50 0.15 10.43
CA HIS A 712 4.99 0.61 11.71
C HIS A 712 6.02 1.40 12.50
N THR A 713 6.90 2.12 11.82
CA THR A 713 7.82 3.05 12.46
C THR A 713 7.13 4.40 12.58
N ARG A 714 6.93 4.85 13.82
CA ARG A 714 6.23 6.11 14.09
C ARG A 714 7.13 7.02 14.91
N LEU A 715 7.23 8.28 14.49
CA LEU A 715 8.05 9.28 15.15
C LEU A 715 7.16 10.31 15.84
N PHE A 716 7.63 10.82 16.98
CA PHE A 716 6.87 11.75 17.78
C PHE A 716 7.77 12.87 18.27
N CYS A 717 7.17 14.04 18.48
CA CYS A 717 7.91 15.16 19.04
C CYS A 717 8.20 14.91 20.52
N ALA A 718 9.48 15.04 20.90
CA ALA A 718 9.82 14.94 22.31
C ALA A 718 9.35 16.17 23.07
N ASP A 719 9.42 17.34 22.44
CA ASP A 719 8.89 18.57 23.02
C ASP A 719 7.48 18.79 22.51
N LYS A 720 6.54 18.98 23.44
CA LYS A 720 5.14 19.17 23.05
C LYS A 720 4.94 20.49 22.30
N ASN A 721 5.78 21.49 22.56
CA ASN A 721 5.65 22.77 21.88
C ASN A 721 5.95 22.65 20.38
N GLU A 722 6.65 21.62 19.95
CA GLU A 722 6.99 21.44 18.55
C GLU A 722 5.99 20.56 17.80
N ARG A 723 4.93 20.09 18.47
CA ARG A 723 3.85 19.42 17.78
C ARG A 723 3.13 20.41 16.88
N ILE A 724 2.69 19.94 15.71
CA ILE A 724 2.18 20.82 14.67
C ILE A 724 0.78 20.37 14.26
N GLY A 725 -0.17 21.28 14.34
CA GLY A 725 -1.54 21.04 13.93
C GLY A 725 -2.37 20.40 15.04
N LYS A 726 -3.67 20.26 14.74
CA LYS A 726 -4.56 19.56 15.66
C LYS A 726 -4.13 18.11 15.85
N SER A 727 -3.49 17.53 14.84
CA SER A 727 -3.00 16.15 14.93
C SER A 727 -1.70 16.04 15.71
N GLY A 728 -0.98 17.15 15.89
CA GLY A 728 0.24 17.13 16.70
C GLY A 728 1.35 16.27 16.14
N ASN A 729 1.54 16.29 14.83
CA ASN A 729 2.56 15.47 14.20
C ASN A 729 3.88 16.24 14.11
N ILE A 730 4.91 15.54 13.64
CA ILE A 730 6.24 16.12 13.43
C ILE A 730 6.18 17.06 12.24
N PRO A 731 7.06 18.06 12.17
CA PRO A 731 7.06 18.96 11.02
C PRO A 731 7.42 18.26 9.72
N ALA A 732 6.96 18.84 8.62
CA ALA A 732 7.30 18.35 7.29
C ALA A 732 8.78 18.58 7.03
N GLY A 733 9.47 17.53 6.61
CA GLY A 733 10.92 17.59 6.40
C GLY A 733 11.73 16.90 7.48
N THR A 734 11.08 16.39 8.53
CA THR A 734 11.79 15.68 9.58
C THR A 734 12.50 14.45 9.03
N THR A 735 13.81 14.38 9.22
CA THR A 735 14.63 13.30 8.72
C THR A 735 15.32 12.59 9.88
N VAL A 736 15.46 11.27 9.76
CA VAL A 736 16.20 10.47 10.73
C VAL A 736 17.04 9.47 9.95
N ASP A 737 18.36 9.49 10.19
CA ASP A 737 19.26 8.50 9.61
C ASP A 737 20.24 7.97 10.65
N THR A 738 19.80 7.94 11.92
CA THR A 738 20.61 7.41 13.01
C THR A 738 19.70 6.68 14.00
N ASN A 739 20.34 6.02 14.97
CA ASN A 739 19.70 5.41 16.12
C ASN A 739 18.73 4.27 15.78
N ILE A 740 17.78 4.52 14.87
CA ILE A 740 16.80 3.51 14.51
C ILE A 740 16.99 2.95 13.12
N THR A 741 17.93 3.50 12.33
CA THR A 741 18.17 3.01 10.98
C THR A 741 19.13 1.83 11.02
N HIS A 742 19.66 1.43 9.87
CA HIS A 742 20.47 0.22 9.80
C HIS A 742 21.84 0.45 10.44
N PRO A 743 22.45 -0.61 10.99
CA PRO A 743 23.82 -0.45 11.55
C PRO A 743 24.84 0.09 10.57
N PHE A 744 24.85 -0.38 9.33
CA PHE A 744 25.92 0.01 8.41
C PHE A 744 25.46 0.16 6.97
N GLU A 745 24.16 0.26 6.72
CA GLU A 745 23.67 0.41 5.36
C GLU A 745 22.97 1.75 5.18
N PHE A 746 22.68 2.06 3.92
CA PHE A 746 22.24 3.40 3.50
C PHE A 746 20.73 3.47 3.53
N ASP A 747 20.17 3.88 4.66
CA ASP A 747 18.74 4.09 4.79
C ASP A 747 18.47 5.30 5.68
N PHE A 748 17.29 5.88 5.48
CA PHE A 748 16.87 7.02 6.29
C PHE A 748 15.36 7.10 6.27
N TYR A 749 14.80 7.73 7.30
CA TYR A 749 13.39 8.10 7.33
C TYR A 749 13.26 9.58 7.01
N LEU A 750 12.29 9.91 6.16
CA LEU A 750 11.99 11.29 5.81
C LEU A 750 10.48 11.46 5.79
N CYS A 751 9.94 12.19 6.76
CA CYS A 751 8.52 12.55 6.77
C CYS A 751 8.40 13.89 6.07
N SER A 752 8.17 13.83 4.76
CA SER A 752 8.21 15.01 3.91
C SER A 752 6.90 15.79 3.90
N HIS A 753 5.86 15.31 4.56
CA HIS A 753 4.54 15.89 4.47
C HIS A 753 4.08 16.40 5.82
N ALA A 754 3.05 17.25 5.78
CA ALA A 754 2.38 17.72 7.00
C ALA A 754 1.22 16.78 7.31
N GLY A 755 1.14 16.35 8.56
CA GLY A 755 0.08 15.44 8.98
C GLY A 755 -1.22 16.14 9.29
N ILE A 756 -2.25 15.89 8.47
CA ILE A 756 -3.54 16.54 8.67
C ILE A 756 -4.34 15.83 9.75
N GLN A 757 -4.54 14.52 9.59
CA GLN A 757 -5.27 13.71 10.54
C GLN A 757 -4.43 12.50 10.94
N GLY A 758 -4.77 11.92 12.07
CA GLY A 758 -4.07 10.74 12.54
C GLY A 758 -2.60 11.00 12.80
N THR A 759 -1.85 9.90 12.82
CA THR A 759 -0.41 9.94 13.05
C THR A 759 0.31 9.78 11.71
N SER A 760 1.25 10.67 11.44
CA SER A 760 1.96 10.65 10.16
C SER A 760 2.76 9.35 10.00
N ARG A 761 2.88 8.91 8.75
CA ARG A 761 3.74 7.79 8.40
C ARG A 761 5.00 8.33 7.76
N PRO A 762 6.12 8.38 8.46
CA PRO A 762 7.38 8.77 7.82
C PRO A 762 7.79 7.73 6.79
N SER A 763 8.08 8.18 5.58
CA SER A 763 8.49 7.27 4.53
C SER A 763 9.92 6.80 4.77
N HIS A 764 10.12 5.49 4.67
CA HIS A 764 11.46 4.91 4.78
C HIS A 764 12.06 4.79 3.39
N TYR A 765 13.29 5.24 3.24
CA TYR A 765 14.02 5.18 1.98
C TYR A 765 15.25 4.30 2.16
N TYR A 766 15.41 3.33 1.26
CA TYR A 766 16.48 2.34 1.35
C TYR A 766 17.25 2.34 0.04
N VAL A 767 18.51 2.75 0.10
CA VAL A 767 19.37 2.80 -1.08
C VAL A 767 19.93 1.41 -1.33
N LEU A 768 19.50 0.76 -2.41
CA LEU A 768 19.95 -0.58 -2.75
C LEU A 768 21.13 -0.59 -3.72
N TRP A 769 21.35 0.49 -4.45
CA TRP A 769 22.45 0.57 -5.39
C TRP A 769 22.74 2.04 -5.66
N ASP A 770 24.01 2.38 -5.78
CA ASP A 770 24.39 3.78 -5.98
C ASP A 770 25.73 3.81 -6.73
N ASP A 771 25.65 3.74 -8.06
CA ASP A 771 26.82 4.00 -8.89
C ASP A 771 27.25 5.46 -8.81
N ASN A 772 26.33 6.36 -8.48
CA ASN A 772 26.57 7.80 -8.50
C ASN A 772 27.19 8.31 -7.21
N ARG A 773 27.35 7.46 -6.19
CA ARG A 773 28.05 7.79 -4.95
C ARG A 773 27.51 9.06 -4.32
N PHE A 774 26.22 9.03 -4.00
CA PHE A 774 25.59 10.13 -3.29
C PHE A 774 26.15 10.26 -1.87
N THR A 775 26.19 11.49 -1.38
CA THR A 775 26.32 11.70 0.05
C THR A 775 24.93 11.63 0.69
N ALA A 776 24.90 11.53 2.02
CA ALA A 776 23.62 11.44 2.71
C ALA A 776 22.81 12.72 2.54
N ASP A 777 23.46 13.88 2.74
CA ASP A 777 22.78 15.15 2.53
C ASP A 777 22.27 15.28 1.10
N GLU A 778 23.13 14.97 0.13
CA GLU A 778 22.78 15.16 -1.28
C GLU A 778 21.53 14.37 -1.65
N LEU A 779 21.40 13.15 -1.14
CA LEU A 779 20.28 12.30 -1.51
C LEU A 779 19.04 12.58 -0.66
N GLN A 780 19.22 12.96 0.61
CA GLN A 780 18.06 13.29 1.44
C GLN A 780 17.41 14.59 1.00
N ILE A 781 18.21 15.61 0.67
CA ILE A 781 17.67 16.86 0.17
C ILE A 781 16.94 16.63 -1.15
N LEU A 782 17.53 15.83 -2.04
CA LEU A 782 16.94 15.59 -3.36
C LEU A 782 15.62 14.86 -3.25
N THR A 783 15.57 13.80 -2.43
CA THR A 783 14.31 13.11 -2.17
C THR A 783 13.27 14.08 -1.63
N TYR A 784 13.69 15.01 -0.77
CA TYR A 784 12.76 15.99 -0.21
C TYR A 784 12.30 17.00 -1.25
N GLN A 785 13.21 17.41 -2.15
CA GLN A 785 12.84 18.36 -3.18
C GLN A 785 11.88 17.73 -4.20
N LEU A 786 12.09 16.45 -4.52
CA LEU A 786 11.16 15.76 -5.42
C LEU A 786 9.77 15.61 -4.80
N CYS A 787 9.66 15.70 -3.48
CA CYS A 787 8.35 15.70 -2.83
C CYS A 787 7.62 17.02 -3.00
N HIS A 788 8.29 18.06 -3.50
CA HIS A 788 7.68 19.36 -3.76
C HIS A 788 7.41 19.59 -5.24
N THR A 789 7.58 18.57 -6.08
CA THR A 789 7.36 18.68 -7.52
C THR A 789 6.13 17.87 -7.97
N TYR A 790 5.17 17.71 -7.07
CA TYR A 790 3.93 16.97 -7.34
C TYR A 790 2.86 17.96 -7.76
N VAL A 791 2.35 17.79 -8.98
CA VAL A 791 1.59 18.85 -9.63
C VAL A 791 0.16 19.00 -9.12
N ARG A 792 -0.42 17.97 -8.50
CA ARG A 792 -1.83 17.99 -8.16
C ARG A 792 -2.15 18.84 -6.94
N CYS A 793 -1.16 19.43 -6.28
CA CYS A 793 -1.42 20.27 -5.12
C CYS A 793 -0.17 21.08 -4.79
N THR A 794 -0.38 22.28 -4.27
CA THR A 794 0.70 23.11 -3.78
C THR A 794 1.06 22.69 -2.34
N ARG A 795 1.41 21.42 -2.21
CA ARG A 795 1.78 20.83 -0.93
C ARG A 795 2.97 19.91 -1.14
N SER A 796 3.67 19.62 -0.04
CA SER A 796 4.74 18.62 -0.04
C SER A 796 4.15 17.28 0.37
N VAL A 797 4.26 16.29 -0.51
CA VAL A 797 3.55 15.03 -0.35
C VAL A 797 4.46 13.98 0.28
N SER A 798 3.87 12.86 0.70
CA SER A 798 4.55 11.92 1.57
C SER A 798 5.60 11.07 0.86
N ILE A 799 5.55 10.99 -0.47
CA ILE A 799 6.55 10.25 -1.24
C ILE A 799 6.93 11.08 -2.45
N PRO A 800 8.08 10.79 -3.07
CA PRO A 800 8.51 11.59 -4.21
C PRO A 800 7.49 11.56 -5.35
N ALA A 801 7.45 12.65 -6.10
CA ALA A 801 6.55 12.75 -7.25
C ALA A 801 6.72 11.62 -8.26
N PRO A 802 7.93 11.15 -8.60
CA PRO A 802 8.02 10.01 -9.54
C PRO A 802 7.30 8.77 -9.04
N ALA A 803 7.52 8.38 -7.78
CA ALA A 803 6.85 7.20 -7.25
C ALA A 803 5.34 7.39 -7.18
N TYR A 804 4.90 8.61 -6.86
CA TYR A 804 3.47 8.87 -6.76
C TYR A 804 2.79 8.82 -8.13
N TYR A 805 3.48 9.28 -9.18
CA TYR A 805 2.92 9.22 -10.52
C TYR A 805 2.75 7.78 -10.99
N ALA A 806 3.74 6.93 -10.70
CA ALA A 806 3.62 5.51 -11.04
C ALA A 806 2.40 4.90 -10.38
N ARG A 807 2.11 5.29 -9.15
CA ARG A 807 0.91 4.83 -8.47
C ARG A 807 -0.34 5.29 -9.23
N LEU A 808 -0.41 6.57 -9.59
CA LEU A 808 -1.56 7.08 -10.33
C LEU A 808 -1.73 6.36 -11.66
N VAL A 809 -0.62 6.07 -12.35
CA VAL A 809 -0.71 5.40 -13.64
C VAL A 809 -1.28 4.00 -13.48
N ALA A 810 -0.88 3.30 -12.41
CA ALA A 810 -1.37 1.94 -12.19
C ALA A 810 -2.85 1.93 -11.81
N PHE A 811 -3.31 2.94 -11.07
CA PHE A 811 -4.72 3.01 -10.73
C PHE A 811 -5.56 3.37 -11.96
N ARG A 812 -5.07 4.28 -12.80
CA ARG A 812 -5.77 4.63 -14.03
C ARG A 812 -5.89 3.42 -14.95
N ALA A 813 -4.89 2.53 -14.94
CA ALA A 813 -4.95 1.32 -15.76
C ALA A 813 -6.11 0.41 -15.38
N ARG A 814 -6.60 0.47 -14.14
CA ARG A 814 -7.71 -0.38 -13.74
C ARG A 814 -9.03 0.12 -14.33
N TYR A 815 -9.22 1.43 -14.36
CA TYR A 815 -10.39 1.98 -15.05
C TYR A 815 -10.35 1.67 -16.54
N HIS A 816 -9.15 1.51 -17.10
CA HIS A 816 -9.01 1.11 -18.50
C HIS A 816 -9.36 -0.36 -18.71
N LEU A 817 -9.30 -1.17 -17.66
CA LEU A 817 -9.59 -2.60 -17.75
C LEU A 817 -11.02 -2.94 -17.39
N VAL A 818 -11.90 -1.95 -17.28
CA VAL A 818 -13.30 -2.17 -16.96
C VAL A 818 -14.09 -2.32 -18.25
N ASP A 819 -15.03 -3.25 -18.26
CA ASP A 819 -15.90 -3.47 -19.41
C ASP A 819 -17.07 -2.49 -19.39
N ASP A 838 -8.19 -12.86 -21.87
CA ASP A 838 -7.12 -12.96 -22.85
C ASP A 838 -5.99 -11.98 -22.54
N PRO A 839 -4.80 -12.49 -22.24
CA PRO A 839 -3.68 -11.60 -21.89
C PRO A 839 -3.32 -10.61 -22.98
N GLN A 840 -3.42 -11.01 -24.25
CA GLN A 840 -3.15 -10.05 -25.33
C GLN A 840 -4.21 -8.96 -25.37
N ALA A 841 -5.46 -9.30 -25.04
CA ALA A 841 -6.51 -8.27 -24.97
C ALA A 841 -6.36 -7.42 -23.72
N LEU A 842 -5.95 -8.03 -22.60
CA LEU A 842 -5.69 -7.25 -21.39
C LEU A 842 -4.53 -6.29 -21.61
N ALA A 843 -3.48 -6.73 -22.30
CA ALA A 843 -2.34 -5.86 -22.57
C ALA A 843 -2.75 -4.69 -23.47
N LYS A 844 -3.68 -4.93 -24.39
CA LYS A 844 -4.12 -3.86 -25.29
C LYS A 844 -4.94 -2.80 -24.57
N ALA A 845 -5.72 -3.21 -23.55
CA ALA A 845 -6.63 -2.27 -22.89
C ALA A 845 -5.89 -1.18 -22.14
N VAL A 846 -4.69 -1.48 -21.63
CA VAL A 846 -3.92 -0.48 -20.88
C VAL A 846 -2.98 0.32 -21.76
N GLN A 847 -2.91 0.01 -23.06
CA GLN A 847 -2.12 0.82 -23.98
C GLN A 847 -2.79 2.16 -24.23
N VAL A 848 -2.00 3.22 -24.18
CA VAL A 848 -2.51 4.58 -24.25
C VAL A 848 -2.30 5.12 -25.65
N HIS A 849 -3.25 5.96 -26.10
CA HIS A 849 -3.19 6.51 -27.44
C HIS A 849 -1.89 7.29 -27.66
N GLN A 850 -1.40 7.24 -28.89
CA GLN A 850 -0.10 7.83 -29.21
C GLN A 850 -0.08 9.32 -28.94
N ASP A 851 -1.21 9.99 -29.07
CA ASP A 851 -1.29 11.41 -28.72
C ASP A 851 -1.16 11.62 -27.22
N THR A 852 -1.53 10.63 -26.42
CA THR A 852 -1.59 10.79 -24.97
C THR A 852 -0.33 10.32 -24.26
N LEU A 853 0.43 9.40 -24.87
CA LEU A 853 1.70 8.99 -24.29
C LEU A 853 2.58 10.19 -23.96
N ARG A 854 2.50 11.22 -24.79
CA ARG A 854 3.35 12.40 -24.70
C ARG A 854 2.87 13.42 -23.66
N THR A 855 1.93 13.05 -22.80
CA THR A 855 1.37 14.00 -21.84
C THR A 855 1.13 13.30 -20.50
N MET A 856 0.82 14.10 -19.48
CA MET A 856 0.59 13.61 -18.13
C MET A 856 -0.91 13.44 -17.90
N TYR A 857 -1.47 12.45 -18.61
CA TYR A 857 -2.89 12.16 -18.51
C TYR A 857 -3.28 11.70 -17.11
N PHE A 858 -2.35 11.06 -16.39
CA PHE A 858 -2.65 10.46 -15.11
C PHE A 858 -2.84 11.48 -13.99
N ALA A 859 -2.62 12.76 -14.25
CA ALA A 859 -2.82 13.78 -13.24
C ALA A 859 -4.29 13.96 -12.93
N ASN C 6 10.93 26.84 -19.55
CA ASN C 6 10.48 25.86 -20.51
C ASN C 6 11.65 24.95 -20.88
N GLY C 7 12.70 25.60 -21.38
CA GLY C 7 13.88 24.99 -21.95
C GLY C 7 14.10 23.51 -21.77
N THR C 8 14.03 23.03 -20.52
CA THR C 8 14.21 21.63 -20.21
C THR C 8 15.69 21.30 -20.41
N SER C 9 16.41 22.29 -20.90
CA SER C 9 17.83 22.15 -21.16
C SER C 9 18.62 23.14 -20.31
N ALA C 10 19.74 23.59 -20.87
CA ALA C 10 20.76 24.45 -20.24
C ALA C 10 21.80 23.61 -19.51
N TRP C 11 21.73 22.28 -19.66
CA TRP C 11 22.95 21.50 -19.57
C TRP C 11 23.95 21.90 -20.64
N GLY C 12 23.51 22.64 -21.67
CA GLY C 12 24.36 23.05 -22.77
C GLY C 12 24.68 21.89 -23.69
N LYS C 13 25.35 22.22 -24.78
CA LYS C 13 25.91 21.24 -25.72
C LYS C 13 24.98 20.11 -26.14
N PRO C 14 23.89 20.41 -26.85
CA PRO C 14 23.23 19.35 -27.65
C PRO C 14 24.21 18.78 -28.66
N ILE C 15 24.40 17.47 -28.59
CA ILE C 15 25.52 16.78 -29.23
C ILE C 15 25.02 15.93 -30.37
N ASP C 16 25.64 16.09 -31.54
CA ASP C 16 25.36 15.27 -32.73
C ASP C 16 26.38 14.14 -32.89
N SER C 17 26.84 13.51 -31.81
CA SER C 17 27.91 12.51 -31.84
C SER C 17 27.47 11.31 -30.99
N GLY C 18 26.49 10.57 -31.52
CA GLY C 18 26.07 9.33 -30.92
C GLY C 18 24.94 8.71 -31.73
N PRO C 19 24.76 7.40 -31.63
CA PRO C 19 23.61 6.76 -32.28
C PRO C 19 22.30 7.42 -31.87
N SER C 20 21.36 7.45 -32.80
CA SER C 20 20.17 8.28 -32.66
C SER C 20 19.06 7.61 -31.86
N TRP C 21 19.28 6.42 -31.33
CA TRP C 21 18.26 5.69 -30.55
C TRP C 21 16.94 5.64 -31.30
N GLY C 22 15.94 6.36 -30.79
CA GLY C 22 14.65 6.47 -31.44
C GLY C 22 13.94 5.16 -31.69
#